data_4O15
#
_entry.id   4O15
#
_cell.length_a   60.452
_cell.length_b   106.399
_cell.length_c   83.630
_cell.angle_alpha   90.00
_cell.angle_beta   96.83
_cell.angle_gamma   90.00
#
_symmetry.space_group_name_H-M   'P 1 21 1'
#
loop_
_entity.id
_entity.type
_entity.pdbx_description
1 polymer 'Nicotinamide phosphoribosyltransferase'
2 non-polymer N-(4-{[3-(trifluoromethyl)phenyl]sulfonyl}benzyl)-2H-pyrazolo[3,4-b]pyridine-5-carboxamide
3 non-polymer 'PHOSPHATE ION'
4 non-polymer 1,2-ETHANEDIOL
5 water water
#
_entity_poly.entity_id   1
_entity_poly.type   'polypeptide(L)'
_entity_poly.pdbx_seq_one_letter_code
;MNPAAEAEFNILLATDSYKVTHYKQYPPNTSKVYSYFECREKKTENSKLRKVKYEETVFYGLQYILNKYLKGKVVTKEKI
QEAKDVYKEHFQDDVFNEKGWNYILEKYDGHLPIEIKAVPEGFVIPRGNVLFTVENTDPECYWLTNWIETILVQSWYPIT
VATNFREQKKILAKYLLETSGNLDGLEYKLHDFGYRGVSSQETAGIGASAHLVNFKGTDTVAGLALIKKYYGTKDPVPGY
SVPAAEHSTITAWGKDHEKDAFEHIVTQFSSVPVSVVSDSYDIYNACEKIWGEDLRHLIVSRSTQAPLIIRPDSGNPLDT
VLKVLEILGKKFPVTENSKGYKLLPPYLRVIQGDGVDINTLQEIVEGMKQKMWSIENIAFGSGGGLLQKLTRDLLNCSFK
CSYVVTNGLGINVFKDPVADPNKRSKKGRLSLHRTPAGNFVTLEEGKGDLEEYGQDLLHTVFKNGKVTKSYSFDEIRKNA
QLNIELEAAHHLEHHHHHHHH
;
_entity_poly.pdbx_strand_id   A,B
#
# COMPACT_ATOMS: atom_id res chain seq x y z
N GLU A 8 -7.38 11.08 17.42
CA GLU A 8 -7.10 12.16 16.48
C GLU A 8 -5.66 12.10 15.98
N PHE A 9 -5.45 12.48 14.72
CA PHE A 9 -4.13 12.48 14.12
C PHE A 9 -3.23 13.51 14.79
N ASN A 10 -1.99 13.11 15.06
CA ASN A 10 -1.02 13.99 15.74
C ASN A 10 0.25 14.10 14.91
N ILE A 11 0.45 15.27 14.30
CA ILE A 11 1.61 15.48 13.42
C ILE A 11 2.94 15.27 14.15
N LEU A 12 2.94 15.43 15.47
CA LEU A 12 4.16 15.22 16.24
C LEU A 12 4.53 13.74 16.28
N LEU A 13 3.57 12.88 15.97
CA LEU A 13 3.80 11.43 15.96
C LEU A 13 3.78 10.87 14.55
N ALA A 14 3.90 11.73 13.54
CA ALA A 14 3.78 11.28 12.16
C ALA A 14 5.06 11.47 11.37
N THR A 15 6.19 11.14 11.99
CA THR A 15 7.49 11.25 11.33
C THR A 15 8.29 9.98 11.63
N ASP A 16 9.36 9.74 10.87
CA ASP A 16 10.28 8.67 11.21
C ASP A 16 10.91 9.00 12.55
N SER A 17 10.97 8.00 13.43
CA SER A 17 11.54 8.19 14.76
C SER A 17 12.83 9.01 14.79
N TYR A 18 13.81 8.65 13.95
CA TYR A 18 15.11 9.32 14.04
C TYR A 18 15.03 10.83 13.81
N LYS A 19 14.01 11.26 13.07
CA LYS A 19 13.84 12.69 12.81
C LYS A 19 13.56 13.51 14.07
N VAL A 20 13.04 12.85 15.11
CA VAL A 20 12.83 13.48 16.40
C VAL A 20 14.15 14.00 16.98
N THR A 21 15.26 13.39 16.57
CA THR A 21 16.57 13.71 17.11
C THR A 21 17.40 14.67 16.24
N HIS A 22 16.87 15.05 15.08
CA HIS A 22 17.66 15.84 14.12
C HIS A 22 17.92 17.28 14.50
N TYR A 23 17.02 17.85 15.31
CA TYR A 23 17.20 19.23 15.77
C TYR A 23 18.52 19.42 16.51
N LYS A 24 19.11 18.34 17.03
CA LYS A 24 20.39 18.44 17.72
C LYS A 24 21.60 18.18 16.82
N GLN A 25 21.35 18.00 15.52
CA GLN A 25 22.41 17.53 14.63
C GLN A 25 22.79 18.48 13.50
N TYR A 26 21.90 19.40 13.15
CA TYR A 26 22.19 20.40 12.12
C TYR A 26 23.30 21.33 12.64
N PRO A 27 24.04 21.96 11.71
CA PRO A 27 25.06 22.93 12.14
C PRO A 27 24.46 23.99 13.07
N PRO A 28 25.15 24.32 14.18
CA PRO A 28 24.69 25.45 14.98
C PRO A 28 24.55 26.72 14.12
N ASN A 29 23.61 27.58 14.50
CA ASN A 29 23.36 28.86 13.82
C ASN A 29 22.76 28.72 12.44
N THR A 30 22.02 27.63 12.25
CA THR A 30 21.28 27.39 11.01
C THR A 30 19.85 27.96 11.10
N SER A 31 19.54 28.90 10.21
CA SER A 31 18.26 29.60 10.22
C SER A 31 17.30 29.10 9.14
N LYS A 32 17.83 28.34 8.18
CA LYS A 32 17.01 27.85 7.06
C LYS A 32 17.43 26.48 6.60
N VAL A 33 16.45 25.59 6.44
CA VAL A 33 16.66 24.32 5.78
C VAL A 33 15.64 24.29 4.66
N TYR A 34 16.12 24.07 3.44
CA TYR A 34 15.29 24.13 2.23
C TYR A 34 15.47 22.80 1.49
N SER A 35 14.35 22.15 1.19
CA SER A 35 14.39 20.80 0.63
C SER A 35 13.46 20.70 -0.57
N TYR A 36 13.65 19.66 -1.38
CA TYR A 36 12.86 19.53 -2.60
C TYR A 36 12.55 18.06 -2.87
N PHE A 37 11.52 17.84 -3.69
CA PHE A 37 11.09 16.50 -4.04
C PHE A 37 11.20 16.36 -5.55
N GLU A 38 11.75 15.23 -6.00
CA GLU A 38 11.81 14.94 -7.44
C GLU A 38 11.52 13.48 -7.66
N CYS A 39 11.22 13.12 -8.90
CA CYS A 39 11.20 11.72 -9.32
C CYS A 39 12.51 11.54 -10.06
N ARG A 40 13.53 11.14 -9.31
CA ARG A 40 14.93 11.19 -9.76
C ARG A 40 15.13 10.41 -11.05
N GLU A 41 15.90 10.99 -11.96
CA GLU A 41 16.24 10.32 -13.22
C GLU A 41 17.12 9.11 -12.91
N LYS A 42 16.98 8.06 -13.72
CA LYS A 42 17.74 6.83 -13.48
C LYS A 42 18.48 6.37 -14.75
N LYS A 43 19.80 6.39 -14.69
CA LYS A 43 20.65 5.97 -15.81
C LYS A 43 20.30 4.59 -16.34
N LYS A 53 9.22 2.65 -19.39
CA LYS A 53 10.33 3.57 -19.16
C LYS A 53 9.99 4.69 -18.16
N TYR A 54 8.73 5.09 -18.13
CA TYR A 54 8.24 6.10 -17.18
C TYR A 54 9.04 7.40 -17.23
N GLU A 55 9.09 7.99 -18.41
CA GLU A 55 9.93 9.18 -18.62
C GLU A 55 9.26 10.46 -18.13
N GLU A 56 7.94 10.47 -18.03
CA GLU A 56 7.24 11.64 -17.50
C GLU A 56 6.22 11.23 -16.44
N THR A 57 6.08 12.06 -15.40
CA THR A 57 5.22 11.71 -14.28
C THR A 57 4.08 12.70 -14.12
N VAL A 58 2.93 12.21 -13.65
CA VAL A 58 1.81 13.09 -13.30
C VAL A 58 1.97 13.53 -11.86
N PHE A 59 2.12 14.84 -11.64
CA PHE A 59 2.19 15.31 -10.27
C PHE A 59 0.79 15.43 -9.70
N TYR A 60 0.47 14.59 -8.71
CA TYR A 60 -0.88 14.56 -8.17
C TYR A 60 -0.86 14.07 -6.74
N GLY A 61 -1.63 14.73 -5.88
CA GLY A 61 -1.93 14.19 -4.56
C GLY A 61 -1.46 15.02 -3.38
N LEU A 62 -0.61 16.01 -3.63
CA LEU A 62 -0.10 16.85 -2.53
C LEU A 62 -1.25 17.60 -1.82
N GLN A 63 -2.23 18.04 -2.58
CA GLN A 63 -3.33 18.86 -2.03
C GLN A 63 -4.09 18.11 -0.93
N TYR A 64 -4.25 16.81 -1.12
CA TYR A 64 -4.86 15.95 -0.13
C TYR A 64 -4.08 16.00 1.20
N ILE A 65 -2.77 15.81 1.09
CA ILE A 65 -1.89 15.82 2.26
C ILE A 65 -1.90 17.18 2.96
N LEU A 66 -1.77 18.25 2.17
CA LEU A 66 -1.84 19.61 2.73
C LEU A 66 -3.09 19.83 3.58
N ASN A 67 -4.25 19.46 3.04
CA ASN A 67 -5.51 19.76 3.73
C ASN A 67 -5.79 18.83 4.89
N LYS A 68 -5.54 17.54 4.69
CA LYS A 68 -5.87 16.56 5.71
C LYS A 68 -4.93 16.60 6.91
N TYR A 69 -3.66 16.90 6.67
CA TYR A 69 -2.66 16.70 7.71
C TYR A 69 -1.84 17.93 8.11
N LEU A 70 -1.66 18.86 7.19
CA LEU A 70 -0.70 19.95 7.45
C LEU A 70 -1.32 21.30 7.80
N LYS A 71 -2.54 21.56 7.33
CA LYS A 71 -3.15 22.88 7.50
C LYS A 71 -3.81 23.14 8.86
N GLY A 72 -3.84 24.41 9.24
CA GLY A 72 -4.56 24.84 10.43
C GLY A 72 -3.79 24.62 11.73
N LYS A 73 -4.51 24.60 12.85
CA LYS A 73 -3.89 24.40 14.15
C LYS A 73 -3.57 22.92 14.34
N VAL A 74 -2.34 22.52 14.05
CA VAL A 74 -1.99 21.11 14.09
C VAL A 74 -1.19 20.77 15.34
N VAL A 75 -0.87 21.81 16.13
CA VAL A 75 -0.17 21.63 17.40
C VAL A 75 -1.07 22.10 18.54
N THR A 76 -1.18 21.28 19.58
CA THR A 76 -1.90 21.65 20.80
C THR A 76 -1.05 21.24 22.00
N LYS A 77 -1.35 21.78 23.18
CA LYS A 77 -0.62 21.39 24.39
C LYS A 77 -0.77 19.88 24.61
N GLU A 78 -1.97 19.36 24.38
CA GLU A 78 -2.22 17.95 24.60
C GLU A 78 -1.40 17.11 23.65
N LYS A 79 -1.30 17.53 22.39
CA LYS A 79 -0.51 16.79 21.40
C LYS A 79 0.98 16.79 21.73
N ILE A 80 1.47 17.89 22.30
CA ILE A 80 2.88 17.98 22.67
C ILE A 80 3.16 17.02 23.82
N GLN A 81 2.28 17.03 24.81
CA GLN A 81 2.44 16.14 25.97
C GLN A 81 2.32 14.68 25.55
N GLU A 82 1.40 14.38 24.63
CA GLU A 82 1.23 13.01 24.14
C GLU A 82 2.55 12.53 23.50
N ALA A 83 3.10 13.34 22.62
CA ALA A 83 4.36 13.00 21.97
C ALA A 83 5.49 12.84 22.98
N LYS A 84 5.58 13.78 23.93
CA LYS A 84 6.60 13.70 24.96
C LYS A 84 6.54 12.35 25.67
N ASP A 85 5.33 11.95 26.05
CA ASP A 85 5.12 10.68 26.77
C ASP A 85 5.51 9.45 25.93
N VAL A 86 5.07 9.44 24.68
CA VAL A 86 5.38 8.33 23.77
C VAL A 86 6.89 8.24 23.51
N TYR A 87 7.52 9.37 23.18
CA TYR A 87 8.95 9.36 22.87
C TYR A 87 9.84 8.98 24.06
N LYS A 88 9.41 9.35 25.26
CA LYS A 88 10.15 8.96 26.46
C LYS A 88 10.31 7.45 26.54
N GLU A 89 9.23 6.72 26.25
CA GLU A 89 9.29 5.25 26.27
C GLU A 89 9.94 4.68 25.03
N HIS A 90 9.65 5.28 23.88
CA HIS A 90 10.10 4.77 22.60
C HIS A 90 11.63 4.84 22.48
N PHE A 91 12.22 5.93 22.99
CA PHE A 91 13.67 6.14 22.96
C PHE A 91 14.36 5.75 24.26
N GLN A 92 13.56 5.50 25.29
CA GLN A 92 14.08 5.23 26.64
C GLN A 92 15.00 6.38 27.04
N ASP A 93 14.61 7.58 26.64
CA ASP A 93 15.45 8.77 26.78
C ASP A 93 14.55 9.97 26.52
N ASP A 94 14.95 11.14 27.02
CA ASP A 94 14.10 12.32 26.95
C ASP A 94 14.25 13.16 25.68
N VAL A 95 14.96 12.64 24.69
CA VAL A 95 15.19 13.40 23.46
C VAL A 95 13.85 13.70 22.78
N PHE A 96 13.58 14.99 22.59
CA PHE A 96 12.32 15.46 22.00
C PHE A 96 12.30 16.96 22.18
N ASN A 97 12.13 17.65 21.05
CA ASN A 97 12.22 19.10 21.02
C ASN A 97 10.91 19.71 21.48
N GLU A 98 10.59 19.54 22.75
CA GLU A 98 9.41 20.14 23.35
C GLU A 98 9.41 21.66 23.18
N LYS A 99 10.56 22.30 23.40
CA LYS A 99 10.66 23.75 23.26
C LYS A 99 10.32 24.22 21.84
N GLY A 100 10.80 23.49 20.85
CA GLY A 100 10.58 23.86 19.46
C GLY A 100 9.11 23.81 19.08
N TRP A 101 8.42 22.78 19.54
CA TRP A 101 6.99 22.63 19.28
C TRP A 101 6.17 23.63 20.09
N ASN A 102 6.59 23.91 21.32
CA ASN A 102 5.95 24.93 22.14
C ASN A 102 6.00 26.30 21.47
N TYR A 103 7.12 26.56 20.81
CA TYR A 103 7.31 27.83 20.11
C TYR A 103 6.27 27.99 19.00
N ILE A 104 6.06 26.92 18.23
CA ILE A 104 5.07 26.97 17.16
C ILE A 104 3.67 27.20 17.75
N LEU A 105 3.39 26.53 18.86
CA LEU A 105 2.10 26.65 19.53
C LEU A 105 1.87 28.07 20.02
N GLU A 106 2.88 28.65 20.66
CA GLU A 106 2.71 29.96 21.28
C GLU A 106 2.78 31.09 20.26
N LYS A 107 3.69 30.99 19.30
CA LYS A 107 3.93 32.08 18.37
C LYS A 107 2.94 32.09 17.19
N TYR A 108 2.53 30.91 16.76
CA TYR A 108 1.74 30.79 15.53
C TYR A 108 0.39 30.10 15.74
N ASP A 109 -0.05 30.04 16.99
CA ASP A 109 -1.29 29.33 17.32
C ASP A 109 -1.30 27.92 16.74
N GLY A 110 -0.15 27.26 16.79
CA GLY A 110 -0.03 25.88 16.36
C GLY A 110 -0.10 25.64 14.86
N HIS A 111 0.06 26.70 14.05
CA HIS A 111 0.15 26.60 12.59
C HIS A 111 1.62 26.45 12.17
N LEU A 112 1.88 25.58 11.19
CA LEU A 112 3.26 25.28 10.78
C LEU A 112 3.90 26.43 9.99
N PRO A 113 5.00 26.99 10.52
CA PRO A 113 5.73 28.04 9.79
C PRO A 113 6.58 27.46 8.65
N ILE A 114 5.88 27.02 7.60
CA ILE A 114 6.48 26.35 6.46
C ILE A 114 5.92 26.97 5.19
N GLU A 115 6.75 27.07 4.15
CA GLU A 115 6.24 27.42 2.84
C GLU A 115 6.52 26.28 1.86
N ILE A 116 5.49 25.87 1.13
CA ILE A 116 5.63 24.83 0.13
C ILE A 116 5.21 25.38 -1.24
N LYS A 117 6.09 25.21 -2.23
CA LYS A 117 5.79 25.66 -3.59
C LYS A 117 5.77 24.43 -4.47
N ALA A 118 4.79 24.31 -5.33
CA ALA A 118 4.62 23.09 -6.12
C ALA A 118 4.19 23.38 -7.55
N VAL A 119 4.57 22.48 -8.46
CA VAL A 119 4.06 22.50 -9.83
C VAL A 119 2.55 22.19 -9.75
N PRO A 120 1.74 22.75 -10.66
CA PRO A 120 0.29 22.53 -10.55
C PRO A 120 -0.10 21.06 -10.65
N GLU A 121 -1.10 20.65 -9.89
CA GLU A 121 -1.51 19.25 -9.90
C GLU A 121 -2.09 18.87 -11.27
N GLY A 122 -1.74 17.67 -11.71
CA GLY A 122 -2.12 17.22 -13.03
C GLY A 122 -1.01 17.40 -14.06
N PHE A 123 -0.07 18.30 -13.78
CA PHE A 123 1.04 18.55 -14.70
C PHE A 123 1.85 17.30 -14.96
N VAL A 124 2.20 17.10 -16.21
CA VAL A 124 3.01 15.98 -16.65
C VAL A 124 4.42 16.49 -16.90
N ILE A 125 5.35 16.02 -16.07
CA ILE A 125 6.71 16.56 -15.99
C ILE A 125 7.71 15.44 -16.19
N PRO A 126 8.74 15.67 -17.03
CA PRO A 126 9.79 14.65 -17.18
C PRO A 126 10.52 14.38 -15.87
N ARG A 127 11.09 13.17 -15.78
CA ARG A 127 11.88 12.78 -14.60
C ARG A 127 13.03 13.75 -14.36
N GLY A 128 13.44 13.86 -13.10
CA GLY A 128 14.63 14.63 -12.75
C GLY A 128 14.38 16.12 -12.61
N ASN A 129 13.13 16.48 -12.36
CA ASN A 129 12.76 17.88 -12.20
C ASN A 129 12.19 18.14 -10.82
N VAL A 130 12.42 19.32 -10.29
CA VAL A 130 11.80 19.69 -9.03
C VAL A 130 10.28 19.75 -9.19
N LEU A 131 9.57 19.06 -8.29
CA LEU A 131 8.12 19.02 -8.30
C LEU A 131 7.53 19.86 -7.17
N PHE A 132 8.17 19.82 -6.01
CA PHE A 132 7.85 20.79 -4.98
C PHE A 132 9.04 21.05 -4.07
N THR A 133 9.01 22.19 -3.39
CA THR A 133 10.05 22.58 -2.43
C THR A 133 9.40 22.93 -1.10
N VAL A 134 10.21 22.82 -0.05
CA VAL A 134 9.74 23.00 1.32
C VAL A 134 10.80 23.80 2.07
N GLU A 135 10.37 24.80 2.82
CA GLU A 135 11.31 25.57 3.67
C GLU A 135 10.59 26.18 4.85
N ASN A 136 11.32 26.40 5.94
CA ASN A 136 10.77 27.05 7.11
C ASN A 136 10.71 28.55 6.90
N THR A 137 9.69 29.19 7.47
CA THR A 137 9.52 30.63 7.31
C THR A 137 9.98 31.40 8.55
N ASP A 138 10.36 30.66 9.58
CA ASP A 138 10.86 31.24 10.83
C ASP A 138 12.17 30.54 11.19
N PRO A 139 13.22 31.31 11.47
CA PRO A 139 14.55 30.73 11.74
C PRO A 139 14.53 29.72 12.88
N GLU A 140 13.66 29.91 13.86
CA GLU A 140 13.57 28.96 14.97
C GLU A 140 13.13 27.57 14.50
N CYS A 141 12.50 27.50 13.34
CA CYS A 141 11.92 26.24 12.89
C CYS A 141 12.70 25.60 11.74
N TYR A 142 14.02 25.79 11.74
CA TYR A 142 14.90 25.18 10.75
C TYR A 142 14.71 23.65 10.71
N TRP A 143 14.39 23.08 11.87
CA TRP A 143 14.25 21.63 12.02
C TRP A 143 12.95 21.09 11.44
N LEU A 144 12.00 21.96 11.16
CA LEU A 144 10.65 21.53 10.83
C LEU A 144 10.54 21.08 9.37
N THR A 145 11.37 21.67 8.51
CA THR A 145 11.36 21.34 7.08
C THR A 145 11.48 19.84 6.84
N ASN A 146 12.45 19.21 7.49
CA ASN A 146 12.63 17.79 7.25
C ASN A 146 11.86 16.86 8.21
N TRP A 147 11.30 17.43 9.28
CA TRP A 147 10.35 16.71 10.12
C TRP A 147 9.22 16.16 9.26
N ILE A 148 8.73 17.00 8.34
CA ILE A 148 7.58 16.62 7.53
C ILE A 148 7.94 15.92 6.22
N GLU A 149 9.19 15.50 6.05
CA GLU A 149 9.59 14.73 4.87
C GLU A 149 8.75 13.46 4.76
N THR A 150 8.63 12.74 5.87
CA THR A 150 7.97 11.43 5.87
C THR A 150 6.54 11.49 5.32
N ILE A 151 5.79 12.45 5.83
CA ILE A 151 4.39 12.58 5.42
C ILE A 151 4.29 13.09 3.96
N LEU A 152 5.14 14.05 3.58
CA LEU A 152 5.09 14.59 2.21
C LEU A 152 5.57 13.59 1.18
N VAL A 153 6.55 12.76 1.55
CA VAL A 153 7.10 11.78 0.62
C VAL A 153 6.07 10.71 0.24
N GLN A 154 5.06 10.50 1.09
CA GLN A 154 3.99 9.54 0.74
C GLN A 154 3.19 10.00 -0.48
N SER A 155 3.46 11.20 -0.96
CA SER A 155 2.89 11.64 -2.23
C SER A 155 3.39 10.78 -3.39
N TRP A 156 4.42 9.96 -3.15
CA TRP A 156 4.93 9.05 -4.18
C TRP A 156 3.79 8.16 -4.66
N TYR A 157 2.85 7.84 -3.77
CA TYR A 157 1.82 6.87 -4.10
C TYR A 157 0.80 7.44 -5.12
N PRO A 158 0.10 8.54 -4.78
CA PRO A 158 -0.78 9.07 -5.83
C PRO A 158 -0.03 9.51 -7.09
N ILE A 159 1.20 10.00 -6.99
CA ILE A 159 1.98 10.30 -8.19
C ILE A 159 2.21 9.06 -9.05
N THR A 160 2.61 7.97 -8.41
CA THR A 160 2.97 6.78 -9.17
C THR A 160 1.72 6.06 -9.71
N VAL A 161 0.64 6.07 -8.94
CA VAL A 161 -0.62 5.48 -9.43
C VAL A 161 -1.16 6.30 -10.61
N ALA A 162 -1.16 7.63 -10.49
CA ALA A 162 -1.64 8.48 -11.59
C ALA A 162 -0.78 8.29 -12.84
N THR A 163 0.52 8.20 -12.64
CA THR A 163 1.46 8.04 -13.75
C THR A 163 1.31 6.70 -14.44
N ASN A 164 1.26 5.63 -13.65
CA ASN A 164 1.09 4.30 -14.21
C ASN A 164 -0.22 4.14 -14.97
N PHE A 165 -1.31 4.72 -14.46
CA PHE A 165 -2.56 4.60 -15.20
C PHE A 165 -2.54 5.44 -16.47
N ARG A 166 -1.85 6.58 -16.43
CA ARG A 166 -1.70 7.38 -17.64
C ARG A 166 -0.94 6.61 -18.71
N GLU A 167 0.10 5.88 -18.31
CA GLU A 167 0.86 5.07 -19.26
C GLU A 167 0.03 3.93 -19.84
N GLN A 168 -0.86 3.35 -19.03
CA GLN A 168 -1.74 2.32 -19.55
C GLN A 168 -2.76 2.92 -20.52
N LYS A 169 -3.22 4.13 -20.20
CA LYS A 169 -4.13 4.84 -21.09
C LYS A 169 -3.48 5.12 -22.45
N LYS A 170 -2.18 5.41 -22.47
CA LYS A 170 -1.48 5.67 -23.73
C LYS A 170 -1.51 4.44 -24.63
N ILE A 171 -1.29 3.28 -24.03
CA ILE A 171 -1.33 2.01 -24.76
C ILE A 171 -2.73 1.76 -25.33
N LEU A 172 -3.74 1.88 -24.48
CA LEU A 172 -5.12 1.70 -24.93
C LEU A 172 -5.48 2.67 -26.04
N ALA A 173 -5.09 3.94 -25.87
CA ALA A 173 -5.39 4.95 -26.90
C ALA A 173 -4.78 4.58 -28.24
N LYS A 174 -3.53 4.15 -28.22
CA LYS A 174 -2.81 3.79 -29.44
C LYS A 174 -3.56 2.71 -30.19
N TYR A 175 -3.86 1.62 -29.50
CA TYR A 175 -4.52 0.48 -30.09
C TYR A 175 -5.99 0.72 -30.41
N LEU A 176 -6.70 1.50 -29.59
CA LEU A 176 -8.08 1.82 -29.92
C LEU A 176 -8.12 2.68 -31.18
N LEU A 177 -7.21 3.64 -31.27
CA LEU A 177 -7.18 4.50 -32.46
C LEU A 177 -6.85 3.70 -33.71
N GLU A 178 -5.88 2.81 -33.60
CA GLU A 178 -5.46 2.04 -34.77
C GLU A 178 -6.57 1.09 -35.26
N THR A 179 -7.23 0.42 -34.33
CA THR A 179 -8.22 -0.59 -34.71
C THR A 179 -9.64 -0.06 -34.96
N SER A 180 -9.92 1.18 -34.56
CA SER A 180 -11.28 1.71 -34.67
C SER A 180 -11.37 3.04 -35.41
N GLY A 181 -10.26 3.77 -35.43
CA GLY A 181 -10.23 5.07 -36.08
C GLY A 181 -10.57 6.25 -35.17
N ASN A 182 -10.87 5.96 -33.90
CA ASN A 182 -11.23 7.02 -32.97
C ASN A 182 -10.95 6.60 -31.53
N LEU A 183 -11.23 7.50 -30.59
CA LEU A 183 -10.95 7.21 -29.18
C LEU A 183 -12.21 7.08 -28.33
N ASP A 184 -13.33 6.80 -28.98
CA ASP A 184 -14.59 6.70 -28.27
C ASP A 184 -14.55 5.63 -27.18
N GLY A 185 -14.94 6.02 -25.97
CA GLY A 185 -15.02 5.07 -24.88
C GLY A 185 -13.71 4.86 -24.16
N LEU A 186 -12.66 5.56 -24.58
CA LEU A 186 -11.33 5.35 -24.00
C LEU A 186 -11.32 5.53 -22.48
N GLU A 187 -12.08 6.51 -22.00
CA GLU A 187 -12.04 6.82 -20.57
C GLU A 187 -12.78 5.81 -19.70
N TYR A 188 -13.38 4.79 -20.33
CA TYR A 188 -14.03 3.70 -19.61
C TYR A 188 -13.38 2.34 -19.93
N LYS A 189 -12.19 2.37 -20.52
CA LYS A 189 -11.50 1.14 -20.93
C LYS A 189 -10.69 0.44 -19.81
N LEU A 190 -10.44 1.13 -18.71
CA LEU A 190 -9.69 0.52 -17.61
C LEU A 190 -10.40 0.86 -16.30
N HIS A 191 -11.19 -0.08 -15.82
CA HIS A 191 -12.02 0.08 -14.64
C HIS A 191 -11.20 -0.32 -13.42
N ASP A 192 -11.31 0.44 -12.34
CA ASP A 192 -10.59 0.13 -11.12
C ASP A 192 -11.31 -1.01 -10.36
N PHE A 193 -10.64 -2.15 -10.26
CA PHE A 193 -11.13 -3.29 -9.48
C PHE A 193 -10.34 -3.48 -8.19
N GLY A 194 -9.51 -2.52 -7.80
CA GLY A 194 -8.48 -2.83 -6.82
C GLY A 194 -8.73 -2.66 -5.33
N TYR A 195 -9.96 -2.34 -4.94
CA TYR A 195 -10.30 -2.03 -3.54
C TYR A 195 -9.82 -3.13 -2.55
N ARG A 196 -10.15 -4.38 -2.83
CA ARG A 196 -9.82 -5.45 -1.89
C ARG A 196 -8.32 -5.75 -1.84
N GLY A 197 -7.60 -5.30 -2.88
CA GLY A 197 -6.20 -5.64 -3.07
C GLY A 197 -5.23 -4.59 -2.56
N VAL A 198 -5.73 -3.47 -2.06
CA VAL A 198 -4.81 -2.48 -1.47
C VAL A 198 -4.70 -2.70 0.03
N SER A 199 -3.80 -1.95 0.67
CA SER A 199 -3.40 -2.24 2.03
C SER A 199 -4.29 -1.66 3.12
N SER A 200 -5.12 -0.68 2.77
CA SER A 200 -5.99 -0.05 3.76
C SER A 200 -7.13 0.74 3.13
N GLN A 201 -8.10 1.11 3.96
CA GLN A 201 -9.17 2.00 3.54
C GLN A 201 -8.64 3.34 3.05
N GLU A 202 -7.69 3.93 3.79
CA GLU A 202 -7.17 5.23 3.34
C GLU A 202 -6.48 5.10 1.99
N THR A 203 -5.67 4.06 1.83
CA THR A 203 -4.97 3.84 0.57
C THR A 203 -5.96 3.69 -0.58
N ALA A 204 -7.04 2.95 -0.33
CA ALA A 204 -8.05 2.72 -1.36
C ALA A 204 -8.59 4.04 -1.92
N GLY A 205 -8.92 4.98 -1.03
CA GLY A 205 -9.41 6.28 -1.48
C GLY A 205 -8.38 7.08 -2.27
N ILE A 206 -7.16 7.16 -1.77
CA ILE A 206 -6.09 7.89 -2.45
C ILE A 206 -5.76 7.29 -3.83
N GLY A 207 -5.58 5.97 -3.87
CA GLY A 207 -5.28 5.28 -5.11
C GLY A 207 -6.39 5.40 -6.14
N ALA A 208 -7.63 5.26 -5.69
CA ALA A 208 -8.76 5.41 -6.60
C ALA A 208 -8.81 6.83 -7.17
N SER A 209 -8.54 7.84 -6.35
CA SER A 209 -8.56 9.21 -6.85
C SER A 209 -7.50 9.41 -7.93
N ALA A 210 -6.37 8.74 -7.79
CA ALA A 210 -5.30 8.84 -8.77
C ALA A 210 -5.66 8.13 -10.07
N HIS A 211 -6.33 6.98 -9.95
CA HIS A 211 -6.85 6.30 -11.13
C HIS A 211 -7.84 7.20 -11.88
N LEU A 212 -8.69 7.89 -11.13
CA LEU A 212 -9.74 8.73 -11.71
C LEU A 212 -9.22 10.00 -12.38
N VAL A 213 -7.93 10.30 -12.20
CA VAL A 213 -7.32 11.38 -12.97
C VAL A 213 -7.33 10.99 -14.44
N ASN A 214 -7.30 9.68 -14.70
CA ASN A 214 -7.18 9.14 -16.06
C ASN A 214 -8.44 8.49 -16.64
N PHE A 215 -9.25 7.89 -15.79
CA PHE A 215 -10.39 7.10 -16.27
C PHE A 215 -11.63 7.47 -15.47
N LYS A 216 -12.80 6.98 -15.89
CA LYS A 216 -14.04 7.35 -15.20
C LYS A 216 -14.83 6.17 -14.63
N GLY A 217 -14.31 4.96 -14.80
CA GLY A 217 -15.00 3.77 -14.32
C GLY A 217 -14.33 3.20 -13.09
N THR A 218 -15.05 3.10 -11.98
CA THR A 218 -14.44 2.58 -10.77
C THR A 218 -15.41 1.81 -9.88
N ASP A 219 -14.91 0.77 -9.21
CA ASP A 219 -15.67 0.13 -8.14
C ASP A 219 -15.14 0.51 -6.76
N THR A 220 -14.15 1.40 -6.73
CA THR A 220 -13.57 1.79 -5.44
C THR A 220 -14.23 3.07 -4.98
N VAL A 221 -15.38 2.87 -4.35
CA VAL A 221 -16.27 3.93 -3.92
C VAL A 221 -15.56 4.99 -3.08
N ALA A 222 -14.57 4.57 -2.30
CA ALA A 222 -13.82 5.48 -1.43
C ALA A 222 -13.19 6.67 -2.19
N GLY A 223 -12.86 6.48 -3.46
CA GLY A 223 -12.25 7.55 -4.23
C GLY A 223 -13.16 8.75 -4.46
N LEU A 224 -14.47 8.47 -4.58
CA LEU A 224 -15.45 9.53 -4.83
C LEU A 224 -15.46 10.56 -3.70
N ALA A 225 -15.56 10.08 -2.46
CA ALA A 225 -15.68 10.97 -1.31
C ALA A 225 -14.40 11.80 -1.10
N LEU A 226 -13.25 11.20 -1.38
CA LEU A 226 -11.99 11.91 -1.28
C LEU A 226 -11.95 13.06 -2.30
N ILE A 227 -12.31 12.77 -3.55
CA ILE A 227 -12.32 13.82 -4.58
C ILE A 227 -13.28 14.94 -4.22
N LYS A 228 -14.48 14.58 -3.77
CA LYS A 228 -15.47 15.60 -3.40
C LYS A 228 -14.95 16.50 -2.26
N LYS A 229 -14.29 15.90 -1.29
CA LYS A 229 -13.86 16.65 -0.12
C LYS A 229 -12.65 17.55 -0.38
N TYR A 230 -11.69 17.04 -1.15
CA TYR A 230 -10.38 17.70 -1.25
C TYR A 230 -10.12 18.40 -2.57
N TYR A 231 -10.90 18.08 -3.61
CA TYR A 231 -10.62 18.60 -4.94
C TYR A 231 -11.83 19.22 -5.63
N GLY A 232 -12.88 18.42 -5.80
CA GLY A 232 -14.14 18.90 -6.34
C GLY A 232 -14.31 18.72 -7.84
N THR A 233 -15.51 18.33 -8.26
CA THR A 233 -15.86 18.26 -9.68
C THR A 233 -17.15 19.04 -9.97
N LYS A 234 -17.26 19.55 -11.18
CA LYS A 234 -18.51 20.14 -11.64
C LYS A 234 -19.61 19.09 -11.61
N ASP A 235 -19.31 17.90 -12.12
CA ASP A 235 -20.29 16.80 -12.10
C ASP A 235 -20.49 16.28 -10.68
N PRO A 236 -21.68 15.74 -10.39
CA PRO A 236 -21.97 15.18 -9.06
C PRO A 236 -20.90 14.20 -8.59
N VAL A 237 -20.46 13.30 -9.48
CA VAL A 237 -19.40 12.34 -9.12
C VAL A 237 -18.33 12.23 -10.23
N PRO A 238 -17.10 11.90 -9.85
CA PRO A 238 -16.01 11.73 -10.82
C PRO A 238 -15.96 10.35 -11.51
N GLY A 239 -16.69 9.38 -10.97
CA GLY A 239 -16.59 8.02 -11.44
C GLY A 239 -17.87 7.21 -11.31
N TYR A 240 -17.95 6.14 -12.08
CA TYR A 240 -19.22 5.44 -12.28
C TYR A 240 -19.03 3.94 -12.27
N SER A 241 -20.12 3.22 -12.07
CA SER A 241 -20.11 1.77 -12.27
C SER A 241 -21.46 1.31 -12.81
N VAL A 242 -21.57 0.01 -13.08
CA VAL A 242 -22.82 -0.63 -13.53
C VAL A 242 -22.95 -2.01 -12.86
N PRO A 243 -24.17 -2.59 -12.87
CA PRO A 243 -24.32 -3.90 -12.21
C PRO A 243 -23.43 -5.00 -12.77
N ALA A 244 -23.07 -5.94 -11.91
CA ALA A 244 -22.27 -7.09 -12.31
C ALA A 244 -22.36 -8.17 -11.27
N ALA A 245 -22.17 -9.41 -11.73
CA ALA A 245 -22.16 -10.55 -10.83
C ALA A 245 -20.78 -10.76 -10.23
N GLU A 246 -20.70 -11.58 -9.18
CA GLU A 246 -19.42 -12.09 -8.72
C GLU A 246 -19.59 -13.59 -8.65
N HIS A 247 -18.52 -14.34 -8.37
CA HIS A 247 -18.68 -15.79 -8.37
C HIS A 247 -19.74 -16.27 -7.40
N SER A 248 -19.85 -15.64 -6.23
CA SER A 248 -20.85 -16.04 -5.25
C SER A 248 -22.28 -15.95 -5.79
N THR A 249 -22.59 -14.95 -6.62
CA THR A 249 -23.97 -14.82 -7.10
C THR A 249 -24.28 -15.80 -8.22
N ILE A 250 -23.24 -16.40 -8.80
CA ILE A 250 -23.44 -17.46 -9.78
C ILE A 250 -23.43 -18.81 -9.05
N THR A 251 -22.40 -19.06 -8.24
CA THR A 251 -22.23 -20.39 -7.65
C THR A 251 -23.29 -20.72 -6.62
N ALA A 252 -23.89 -19.69 -6.02
CA ALA A 252 -24.96 -19.90 -5.03
C ALA A 252 -26.15 -20.67 -5.59
N TRP A 253 -26.31 -20.65 -6.90
CA TRP A 253 -27.43 -21.36 -7.54
C TRP A 253 -27.20 -22.86 -7.65
N GLY A 254 -25.97 -23.28 -7.41
CA GLY A 254 -25.60 -24.67 -7.54
C GLY A 254 -24.91 -24.94 -8.86
N LYS A 255 -23.99 -25.90 -8.84
CA LYS A 255 -23.17 -26.21 -10.00
C LYS A 255 -23.98 -26.55 -11.25
N ASP A 256 -25.15 -27.15 -11.08
CA ASP A 256 -25.98 -27.53 -12.23
C ASP A 256 -26.91 -26.42 -12.71
N HIS A 257 -26.82 -25.24 -12.10
CA HIS A 257 -27.79 -24.19 -12.39
C HIS A 257 -27.13 -22.86 -12.79
N GLU A 258 -25.95 -22.95 -13.39
CA GLU A 258 -25.27 -21.76 -13.90
C GLU A 258 -26.15 -21.02 -14.90
N LYS A 259 -26.83 -21.75 -15.78
CA LYS A 259 -27.66 -21.11 -16.80
C LYS A 259 -28.79 -20.34 -16.11
N ASP A 260 -29.33 -20.93 -15.06
CA ASP A 260 -30.39 -20.29 -14.29
C ASP A 260 -29.92 -18.99 -13.64
N ALA A 261 -28.68 -18.98 -13.15
CA ALA A 261 -28.11 -17.78 -12.56
C ALA A 261 -27.96 -16.70 -13.61
N PHE A 262 -27.37 -17.06 -14.76
CA PHE A 262 -27.16 -16.12 -15.86
C PHE A 262 -28.49 -15.48 -16.28
N GLU A 263 -29.50 -16.34 -16.50
CA GLU A 263 -30.80 -15.86 -16.95
C GLU A 263 -31.44 -14.90 -15.95
N HIS A 264 -31.41 -15.27 -14.67
CA HIS A 264 -31.97 -14.41 -13.63
C HIS A 264 -31.30 -13.04 -13.62
N ILE A 265 -29.98 -13.06 -13.72
CA ILE A 265 -29.18 -11.85 -13.59
C ILE A 265 -29.37 -10.90 -14.78
N VAL A 266 -29.33 -11.41 -16.00
CA VAL A 266 -29.50 -10.54 -17.17
C VAL A 266 -30.93 -10.02 -17.28
N THR A 267 -31.87 -10.76 -16.69
CA THR A 267 -33.28 -10.36 -16.72
C THR A 267 -33.55 -9.30 -15.65
N GLN A 268 -32.92 -9.45 -14.48
CA GLN A 268 -32.96 -8.43 -13.44
C GLN A 268 -32.42 -7.10 -13.96
N PHE A 269 -31.34 -7.18 -14.73
CA PHE A 269 -30.71 -5.96 -15.25
C PHE A 269 -30.86 -5.93 -16.76
N SER A 270 -32.11 -5.92 -17.22
CA SER A 270 -32.42 -6.04 -18.63
C SER A 270 -32.16 -4.77 -19.43
N SER A 271 -32.16 -3.63 -18.73
CA SER A 271 -32.14 -2.34 -19.41
C SER A 271 -30.95 -1.47 -19.08
N VAL A 272 -29.96 -2.03 -18.39
CA VAL A 272 -28.71 -1.34 -18.09
C VAL A 272 -27.58 -2.28 -18.50
N PRO A 273 -26.36 -1.74 -18.69
CA PRO A 273 -25.25 -2.67 -18.96
C PRO A 273 -25.08 -3.62 -17.80
N VAL A 274 -24.76 -4.88 -18.07
CA VAL A 274 -24.53 -5.81 -16.97
C VAL A 274 -23.34 -6.70 -17.32
N SER A 275 -22.43 -6.87 -16.37
CA SER A 275 -21.28 -7.73 -16.56
C SER A 275 -21.47 -9.02 -15.80
N VAL A 276 -21.16 -10.15 -16.43
CA VAL A 276 -21.40 -11.45 -15.79
C VAL A 276 -20.18 -12.35 -15.92
N VAL A 277 -19.58 -12.64 -14.76
CA VAL A 277 -18.42 -13.51 -14.68
C VAL A 277 -18.82 -14.92 -15.11
N SER A 278 -18.05 -15.48 -16.04
CA SER A 278 -18.53 -16.62 -16.80
C SER A 278 -17.61 -17.83 -16.70
N ASP A 279 -16.63 -17.78 -15.80
CA ASP A 279 -15.62 -18.83 -15.71
C ASP A 279 -15.73 -19.68 -14.45
N SER A 280 -16.88 -19.63 -13.75
CA SER A 280 -17.03 -20.38 -12.49
C SER A 280 -16.69 -21.87 -12.66
N TYR A 281 -17.09 -22.45 -13.78
CA TYR A 281 -16.84 -23.88 -14.01
C TYR A 281 -16.11 -24.12 -15.33
N ASP A 282 -16.54 -23.45 -16.39
CA ASP A 282 -15.96 -23.65 -17.71
C ASP A 282 -16.35 -22.46 -18.59
N ILE A 283 -15.46 -21.47 -18.63
CA ILE A 283 -15.66 -20.25 -19.42
C ILE A 283 -16.00 -20.53 -20.89
N TYR A 284 -15.41 -21.59 -21.45
CA TYR A 284 -15.59 -21.81 -22.88
C TYR A 284 -16.95 -22.43 -23.17
N ASN A 285 -17.40 -23.31 -22.30
CA ASN A 285 -18.76 -23.83 -22.36
C ASN A 285 -19.80 -22.72 -22.12
N ALA A 286 -19.51 -21.86 -21.15
CA ALA A 286 -20.43 -20.77 -20.82
C ALA A 286 -20.65 -19.86 -22.03
N CYS A 287 -19.55 -19.51 -22.71
CA CYS A 287 -19.65 -18.65 -23.87
C CYS A 287 -20.33 -19.34 -25.05
N GLU A 288 -19.93 -20.56 -25.35
CA GLU A 288 -20.42 -21.22 -26.56
C GLU A 288 -21.83 -21.77 -26.41
N LYS A 289 -22.08 -22.49 -25.32
CA LYS A 289 -23.34 -23.19 -25.13
C LYS A 289 -24.37 -22.39 -24.33
N ILE A 290 -23.98 -21.77 -23.22
CA ILE A 290 -24.96 -21.05 -22.41
C ILE A 290 -25.31 -19.70 -23.03
N TRP A 291 -24.34 -18.82 -23.16
CA TRP A 291 -24.59 -17.54 -23.80
C TRP A 291 -24.89 -17.69 -25.28
N GLY A 292 -24.10 -18.53 -25.95
CA GLY A 292 -24.14 -18.64 -27.40
C GLY A 292 -25.27 -19.45 -27.99
N GLU A 293 -25.96 -20.22 -27.15
CA GLU A 293 -27.09 -21.05 -27.60
C GLU A 293 -28.32 -20.92 -26.69
N ASP A 294 -28.21 -21.40 -25.45
CA ASP A 294 -29.35 -21.50 -24.54
C ASP A 294 -30.02 -20.15 -24.23
N LEU A 295 -29.19 -19.14 -23.97
CA LEU A 295 -29.68 -17.82 -23.58
C LEU A 295 -29.45 -16.74 -24.64
N ARG A 296 -29.05 -17.16 -25.84
CA ARG A 296 -28.75 -16.23 -26.92
C ARG A 296 -29.90 -15.27 -27.19
N HIS A 297 -31.13 -15.77 -27.05
CA HIS A 297 -32.30 -14.95 -27.34
C HIS A 297 -32.48 -13.79 -26.37
N LEU A 298 -31.89 -13.92 -25.18
CA LEU A 298 -31.92 -12.86 -24.16
C LEU A 298 -30.82 -11.85 -24.37
N ILE A 299 -29.86 -12.17 -25.22
CA ILE A 299 -28.71 -11.29 -25.45
C ILE A 299 -28.92 -10.44 -26.71
N VAL A 300 -29.35 -11.08 -27.79
CA VAL A 300 -29.51 -10.38 -29.07
C VAL A 300 -30.65 -9.36 -29.04
N SER A 301 -31.50 -9.45 -28.02
CA SER A 301 -32.63 -8.54 -27.83
C SER A 301 -32.25 -7.27 -27.06
N ARG A 302 -31.04 -7.26 -26.47
CA ARG A 302 -30.63 -6.14 -25.62
C ARG A 302 -30.28 -4.85 -26.39
N SER A 303 -30.48 -3.72 -25.73
CA SER A 303 -30.15 -2.42 -26.28
C SER A 303 -28.64 -2.16 -26.38
N THR A 304 -28.24 -1.32 -27.32
CA THR A 304 -26.85 -0.86 -27.42
C THR A 304 -26.40 -0.13 -26.16
N GLN A 305 -27.35 0.50 -25.47
CA GLN A 305 -27.06 1.19 -24.22
C GLN A 305 -27.04 0.22 -23.03
N ALA A 306 -27.36 -1.04 -23.26
CA ALA A 306 -27.41 -2.04 -22.17
C ALA A 306 -26.82 -3.40 -22.57
N PRO A 307 -25.54 -3.42 -22.99
CA PRO A 307 -24.99 -4.70 -23.44
C PRO A 307 -24.75 -5.69 -22.30
N LEU A 308 -24.63 -6.97 -22.67
CA LEU A 308 -24.04 -7.94 -21.78
C LEU A 308 -22.53 -7.85 -21.93
N ILE A 309 -21.84 -7.75 -20.80
CA ILE A 309 -20.39 -7.76 -20.82
C ILE A 309 -19.89 -9.05 -20.17
N ILE A 310 -19.37 -9.95 -20.99
CA ILE A 310 -18.89 -11.24 -20.50
C ILE A 310 -17.53 -11.09 -19.84
N ARG A 311 -17.39 -11.63 -18.63
CA ARG A 311 -16.10 -11.56 -17.92
C ARG A 311 -15.45 -12.93 -17.69
N PRO A 312 -14.41 -13.25 -18.46
CA PRO A 312 -13.54 -14.35 -18.07
C PRO A 312 -12.70 -13.90 -16.88
N ASP A 313 -12.20 -14.81 -16.06
CA ASP A 313 -11.45 -14.40 -14.87
C ASP A 313 -10.35 -15.39 -14.47
N SER A 314 -9.92 -16.22 -15.41
CA SER A 314 -8.88 -17.19 -15.10
C SER A 314 -8.21 -17.69 -16.37
N GLY A 315 -7.10 -18.39 -16.21
CA GLY A 315 -6.34 -18.89 -17.34
C GLY A 315 -5.36 -17.82 -17.80
N ASN A 316 -4.59 -18.13 -18.82
CA ASN A 316 -3.70 -17.14 -19.42
C ASN A 316 -4.55 -16.00 -19.96
N PRO A 317 -4.32 -14.76 -19.49
CA PRO A 317 -5.15 -13.61 -19.90
C PRO A 317 -5.24 -13.43 -21.43
N LEU A 318 -4.13 -13.44 -22.14
CA LEU A 318 -4.17 -13.29 -23.59
C LEU A 318 -4.88 -14.45 -24.28
N ASP A 319 -4.49 -15.67 -23.96
CA ASP A 319 -5.07 -16.84 -24.62
C ASP A 319 -6.56 -16.90 -24.37
N THR A 320 -6.98 -16.56 -23.17
CA THR A 320 -8.40 -16.69 -22.80
C THR A 320 -9.27 -15.65 -23.50
N VAL A 321 -8.81 -14.40 -23.51
CA VAL A 321 -9.49 -13.35 -24.25
C VAL A 321 -9.66 -13.71 -25.72
N LEU A 322 -8.59 -14.18 -26.37
CA LEU A 322 -8.67 -14.51 -27.79
C LEU A 322 -9.61 -15.67 -28.05
N LYS A 323 -9.59 -16.67 -27.17
CA LYS A 323 -10.46 -17.83 -27.37
C LYS A 323 -11.91 -17.43 -27.12
N VAL A 324 -12.15 -16.57 -26.14
CA VAL A 324 -13.50 -16.10 -25.86
C VAL A 324 -14.06 -15.33 -27.07
N LEU A 325 -13.25 -14.43 -27.61
CA LEU A 325 -13.64 -13.68 -28.82
C LEU A 325 -13.93 -14.63 -29.99
N GLU A 326 -13.05 -15.60 -30.18
CA GLU A 326 -13.20 -16.60 -31.25
C GLU A 326 -14.55 -17.32 -31.13
N ILE A 327 -14.88 -17.76 -29.91
CA ILE A 327 -16.14 -18.44 -29.65
C ILE A 327 -17.34 -17.55 -29.94
N LEU A 328 -17.34 -16.36 -29.36
CA LEU A 328 -18.44 -15.41 -29.51
C LEU A 328 -18.62 -14.99 -30.96
N GLY A 329 -17.49 -14.84 -31.67
CA GLY A 329 -17.52 -14.46 -33.07
C GLY A 329 -18.21 -15.48 -33.96
N LYS A 330 -18.28 -16.72 -33.49
CA LYS A 330 -18.90 -17.78 -34.27
C LYS A 330 -20.34 -18.04 -33.88
N LYS A 331 -20.77 -17.46 -32.76
CA LYS A 331 -22.13 -17.64 -32.27
C LYS A 331 -22.98 -16.39 -32.47
N PHE A 332 -22.34 -15.24 -32.65
CA PHE A 332 -23.02 -13.96 -32.79
C PHE A 332 -22.61 -13.26 -34.09
N PRO A 333 -23.46 -12.36 -34.61
CA PRO A 333 -23.10 -11.70 -35.88
C PRO A 333 -21.96 -10.69 -35.72
N VAL A 334 -20.82 -10.96 -36.34
CA VAL A 334 -19.66 -10.07 -36.30
C VAL A 334 -19.62 -9.20 -37.55
N THR A 335 -19.28 -7.92 -37.39
CA THR A 335 -19.07 -7.07 -38.55
C THR A 335 -17.58 -6.77 -38.69
N GLU A 336 -17.21 -6.12 -39.78
CA GLU A 336 -15.84 -5.66 -39.96
C GLU A 336 -15.90 -4.15 -40.10
N ASN A 337 -15.22 -3.42 -39.21
CA ASN A 337 -15.26 -1.97 -39.28
C ASN A 337 -14.43 -1.41 -40.43
N SER A 338 -14.41 -0.08 -40.56
CA SER A 338 -13.78 0.57 -41.70
C SER A 338 -12.26 0.42 -41.69
N LYS A 339 -11.71 -0.01 -40.55
CA LYS A 339 -10.27 -0.22 -40.42
C LYS A 339 -9.89 -1.68 -40.74
N GLY A 340 -10.90 -2.53 -40.93
CA GLY A 340 -10.66 -3.92 -41.26
C GLY A 340 -10.69 -4.86 -40.06
N TYR A 341 -11.09 -4.33 -38.91
CA TYR A 341 -11.10 -5.13 -37.68
C TYR A 341 -12.48 -5.65 -37.30
N LYS A 342 -12.49 -6.83 -36.69
CA LYS A 342 -13.75 -7.47 -36.32
C LYS A 342 -14.39 -6.82 -35.11
N LEU A 343 -15.71 -6.72 -35.15
CA LEU A 343 -16.46 -6.03 -34.11
C LEU A 343 -17.69 -6.86 -33.74
N LEU A 344 -17.82 -7.18 -32.45
CA LEU A 344 -18.98 -7.89 -31.94
C LEU A 344 -20.20 -6.99 -32.08
N PRO A 345 -21.41 -7.58 -32.10
CA PRO A 345 -22.61 -6.74 -32.13
C PRO A 345 -22.68 -5.84 -30.89
N PRO A 346 -23.37 -4.70 -30.98
CA PRO A 346 -23.30 -3.68 -29.92
C PRO A 346 -23.88 -4.11 -28.57
N TYR A 347 -24.64 -5.19 -28.54
CA TYR A 347 -25.23 -5.67 -27.29
C TYR A 347 -24.30 -6.63 -26.55
N LEU A 348 -23.09 -6.82 -27.06
CA LEU A 348 -22.20 -7.85 -26.50
C LEU A 348 -20.75 -7.36 -26.43
N ARG A 349 -20.18 -7.39 -25.23
CA ARG A 349 -18.80 -6.96 -25.03
C ARG A 349 -18.09 -7.90 -24.05
N VAL A 350 -16.79 -7.68 -23.86
CA VAL A 350 -15.99 -8.55 -23.00
C VAL A 350 -15.16 -7.66 -22.08
N ILE A 351 -14.97 -8.10 -20.83
CA ILE A 351 -14.07 -7.40 -19.92
C ILE A 351 -13.10 -8.41 -19.30
N GLN A 352 -11.81 -8.08 -19.31
CA GLN A 352 -10.79 -8.94 -18.72
C GLN A 352 -10.22 -8.22 -17.51
N GLY A 353 -10.46 -8.77 -16.32
CA GLY A 353 -10.02 -8.12 -15.09
C GLY A 353 -9.10 -8.97 -14.22
N ASP A 354 -8.52 -10.02 -14.82
CA ASP A 354 -7.60 -10.90 -14.10
C ASP A 354 -6.19 -10.75 -14.67
N GLY A 355 -5.23 -10.40 -13.80
CA GLY A 355 -3.84 -10.35 -14.21
C GLY A 355 -3.47 -9.22 -15.15
N VAL A 356 -4.27 -8.16 -15.15
CA VAL A 356 -4.00 -7.05 -16.06
C VAL A 356 -3.13 -5.99 -15.39
N ASP A 357 -1.85 -6.00 -15.74
CA ASP A 357 -0.95 -4.91 -15.38
C ASP A 357 -0.54 -4.26 -16.68
N ILE A 358 0.39 -3.32 -16.64
CA ILE A 358 0.75 -2.59 -17.85
C ILE A 358 1.38 -3.51 -18.91
N ASN A 359 2.19 -4.48 -18.49
CA ASN A 359 2.80 -5.40 -19.43
C ASN A 359 1.77 -6.32 -20.10
N THR A 360 0.86 -6.86 -19.31
CA THR A 360 -0.12 -7.79 -19.89
C THR A 360 -1.20 -7.06 -20.70
N LEU A 361 -1.54 -5.84 -20.29
CA LEU A 361 -2.45 -5.00 -21.07
C LEU A 361 -1.92 -4.84 -22.48
N GLN A 362 -0.65 -4.49 -22.59
CA GLN A 362 0.01 -4.36 -23.88
C GLN A 362 -0.05 -5.67 -24.67
N GLU A 363 0.25 -6.77 -23.99
CA GLU A 363 0.25 -8.09 -24.62
C GLU A 363 -1.12 -8.42 -25.20
N ILE A 364 -2.18 -8.08 -24.47
CA ILE A 364 -3.51 -8.43 -24.89
C ILE A 364 -3.94 -7.60 -26.09
N VAL A 365 -3.77 -6.29 -26.03
CA VAL A 365 -4.21 -5.45 -27.15
C VAL A 365 -3.41 -5.77 -28.41
N GLU A 366 -2.11 -6.04 -28.24
CA GLU A 366 -1.29 -6.41 -29.39
C GLU A 366 -1.73 -7.75 -29.97
N GLY A 367 -2.07 -8.70 -29.10
CA GLY A 367 -2.54 -10.01 -29.52
C GLY A 367 -3.86 -9.92 -30.24
N MET A 368 -4.76 -9.08 -29.71
CA MET A 368 -6.03 -8.79 -30.36
C MET A 368 -5.83 -8.20 -31.75
N LYS A 369 -4.95 -7.21 -31.84
CA LYS A 369 -4.69 -6.57 -33.13
C LYS A 369 -4.18 -7.58 -34.17
N GLN A 370 -3.30 -8.49 -33.74
CA GLN A 370 -2.74 -9.49 -34.65
C GLN A 370 -3.84 -10.43 -35.15
N LYS A 371 -4.83 -10.67 -34.31
CA LYS A 371 -5.94 -11.54 -34.70
C LYS A 371 -7.10 -10.76 -35.29
N MET A 372 -6.84 -9.50 -35.62
CA MET A 372 -7.81 -8.63 -36.31
C MET A 372 -9.08 -8.34 -35.51
N TRP A 373 -8.96 -8.32 -34.18
CA TRP A 373 -10.07 -7.92 -33.31
C TRP A 373 -9.92 -6.47 -32.85
N SER A 374 -10.97 -5.68 -33.01
CA SER A 374 -10.94 -4.28 -32.57
C SER A 374 -10.89 -4.18 -31.05
N ILE A 375 -10.18 -3.17 -30.55
CA ILE A 375 -10.14 -2.89 -29.12
C ILE A 375 -11.50 -2.36 -28.65
N GLU A 376 -12.37 -1.94 -29.57
CA GLU A 376 -13.75 -1.60 -29.21
C GLU A 376 -14.46 -2.74 -28.45
N ASN A 377 -14.02 -3.98 -28.69
CA ASN A 377 -14.69 -5.16 -28.14
C ASN A 377 -14.43 -5.38 -26.65
N ILE A 378 -13.39 -4.73 -26.15
CA ILE A 378 -12.88 -5.13 -24.84
C ILE A 378 -12.69 -3.96 -23.88
N ALA A 379 -12.89 -4.24 -22.60
CA ALA A 379 -12.48 -3.34 -21.53
C ALA A 379 -11.65 -4.16 -20.53
N PHE A 380 -10.97 -3.46 -19.64
CA PHE A 380 -10.09 -4.14 -18.69
C PHE A 380 -10.40 -3.69 -17.29
N GLY A 381 -10.11 -4.56 -16.34
CA GLY A 381 -10.24 -4.21 -14.94
C GLY A 381 -8.87 -4.31 -14.32
N SER A 382 -8.53 -3.36 -13.47
CA SER A 382 -7.22 -3.32 -12.88
C SER A 382 -7.29 -3.77 -11.42
N LYS A 389 3.17 -4.86 -7.45
CA LYS A 389 2.67 -3.57 -6.98
C LYS A 389 3.67 -2.45 -7.27
N LEU A 390 3.19 -1.20 -7.27
CA LEU A 390 4.02 -0.03 -7.53
C LEU A 390 4.74 0.38 -6.25
N THR A 391 6.01 0.80 -6.37
CA THR A 391 6.78 1.25 -5.19
C THR A 391 7.33 2.65 -5.38
N ARG A 392 7.91 3.19 -4.30
CA ARG A 392 8.51 4.50 -4.30
C ARG A 392 9.75 4.51 -5.19
N ASP A 393 10.36 3.34 -5.37
CA ASP A 393 11.56 3.22 -6.22
C ASP A 393 11.28 3.23 -7.72
N LEU A 394 10.03 2.97 -8.13
CA LEU A 394 9.70 2.94 -9.56
C LEU A 394 10.08 4.25 -10.25
N LEU A 395 9.67 5.37 -9.67
CA LEU A 395 9.99 6.68 -10.23
C LEU A 395 11.07 7.39 -9.42
N ASN A 396 11.69 6.66 -8.49
CA ASN A 396 12.69 7.22 -7.58
C ASN A 396 12.24 8.50 -6.89
N CYS A 397 11.04 8.45 -6.31
CA CYS A 397 10.49 9.60 -5.61
C CYS A 397 11.34 9.88 -4.37
N SER A 398 11.84 11.11 -4.27
CA SER A 398 12.86 11.41 -3.26
C SER A 398 12.82 12.87 -2.80
N PHE A 399 13.08 13.06 -1.50
CA PHE A 399 13.03 14.37 -0.85
C PHE A 399 14.42 14.61 -0.28
N LYS A 400 15.04 15.74 -0.64
CA LYS A 400 16.41 16.04 -0.18
C LYS A 400 16.60 17.53 0.11
N CYS A 401 17.46 17.81 1.08
CA CYS A 401 17.87 19.17 1.40
C CYS A 401 18.89 19.67 0.38
N SER A 402 18.62 20.82 -0.24
CA SER A 402 19.53 21.39 -1.23
C SER A 402 20.15 22.74 -0.85
N TYR A 403 19.63 23.38 0.20
CA TYR A 403 20.08 24.72 0.56
C TYR A 403 19.88 24.94 2.05
N VAL A 404 20.88 25.50 2.72
CA VAL A 404 20.72 25.88 4.13
C VAL A 404 21.33 27.25 4.30
N VAL A 405 20.87 27.99 5.29
CA VAL A 405 21.54 29.23 5.67
C VAL A 405 22.13 29.04 7.07
N THR A 406 23.44 29.25 7.22
CA THR A 406 24.10 29.08 8.50
C THR A 406 24.98 30.30 8.73
N ASN A 407 24.84 30.92 9.90
CA ASN A 407 25.51 32.19 10.20
C ASN A 407 25.21 33.27 9.17
N GLY A 408 24.01 33.25 8.61
CA GLY A 408 23.59 34.25 7.65
C GLY A 408 24.12 34.02 6.24
N LEU A 409 24.87 32.94 6.04
CA LEU A 409 25.37 32.63 4.70
C LEU A 409 24.64 31.42 4.10
N GLY A 410 24.14 31.57 2.88
CA GLY A 410 23.49 30.47 2.20
C GLY A 410 24.54 29.54 1.67
N ILE A 411 24.35 28.23 1.85
CA ILE A 411 25.27 27.30 1.21
C ILE A 411 24.49 26.24 0.44
N ASN A 412 25.03 25.85 -0.71
CA ASN A 412 24.39 24.86 -1.55
C ASN A 412 24.84 23.48 -1.12
N VAL A 413 23.88 22.63 -0.77
CA VAL A 413 24.23 21.31 -0.23
C VAL A 413 23.59 20.17 -1.02
N PHE A 414 24.16 18.98 -0.88
CA PHE A 414 23.79 17.86 -1.74
C PHE A 414 24.49 16.60 -1.25
N LYS A 415 23.98 15.44 -1.66
CA LYS A 415 24.69 14.18 -1.49
C LYS A 415 25.20 13.72 -2.86
N ASP A 416 26.28 12.92 -2.86
CA ASP A 416 26.84 12.42 -4.11
C ASP A 416 27.64 11.16 -3.82
N PRO A 417 26.93 10.05 -3.52
CA PRO A 417 27.61 8.82 -3.07
C PRO A 417 28.54 8.29 -4.14
N VAL A 418 29.75 7.89 -3.73
CA VAL A 418 30.79 7.47 -4.65
C VAL A 418 30.35 6.28 -5.52
N ALA A 419 29.62 5.34 -4.93
CA ALA A 419 29.27 4.11 -5.64
C ALA A 419 27.98 4.20 -6.43
N ASP A 420 27.27 5.31 -6.32
CA ASP A 420 26.00 5.44 -7.04
C ASP A 420 25.67 6.88 -7.47
N PRO A 421 26.21 7.31 -8.60
CA PRO A 421 25.95 8.64 -9.17
C PRO A 421 24.46 8.89 -9.41
N ASN A 422 23.66 7.83 -9.51
CA ASN A 422 22.22 7.98 -9.69
C ASN A 422 21.57 8.63 -8.47
N LYS A 423 22.26 8.59 -7.34
CA LYS A 423 21.71 9.13 -6.09
C LYS A 423 22.20 10.55 -5.78
N ARG A 424 22.98 11.13 -6.68
CA ARG A 424 23.40 12.51 -6.53
C ARG A 424 22.17 13.40 -6.49
N SER A 425 22.14 14.36 -5.56
CA SER A 425 21.00 15.27 -5.43
C SER A 425 21.33 16.68 -5.97
N LYS A 426 20.31 17.50 -6.17
CA LYS A 426 20.47 18.84 -6.74
C LYS A 426 20.98 19.84 -5.71
N LYS A 427 21.58 20.93 -6.20
CA LYS A 427 22.24 21.91 -5.32
C LYS A 427 21.54 23.25 -5.29
N GLY A 428 21.36 23.79 -4.09
CA GLY A 428 20.93 25.16 -3.92
C GLY A 428 19.45 25.39 -4.13
N ARG A 429 19.05 26.66 -4.23
CA ARG A 429 17.66 27.01 -4.44
C ARG A 429 17.22 26.66 -5.86
N LEU A 430 16.05 26.05 -5.97
CA LEU A 430 15.59 25.48 -7.22
C LEU A 430 14.41 26.22 -7.81
N SER A 431 14.23 26.10 -9.12
CA SER A 431 13.06 26.64 -9.79
C SER A 431 12.82 25.83 -11.04
N LEU A 432 11.58 25.81 -11.50
CA LEU A 432 11.18 25.00 -12.66
C LEU A 432 10.72 25.94 -13.77
N HIS A 433 11.18 25.69 -14.99
CA HIS A 433 10.90 26.61 -16.11
C HIS A 433 10.61 25.91 -17.40
N ARG A 434 9.90 26.60 -18.29
CA ARG A 434 9.74 26.18 -19.67
C ARG A 434 11.01 26.49 -20.43
N THR A 435 11.46 25.56 -21.26
CA THR A 435 12.61 25.82 -22.13
C THR A 435 12.13 26.57 -23.38
N PRO A 436 13.06 27.12 -24.16
CA PRO A 436 12.64 27.77 -25.41
C PRO A 436 11.90 26.81 -26.35
N ALA A 437 12.20 25.51 -26.29
CA ALA A 437 11.49 24.56 -27.13
C ALA A 437 10.21 24.06 -26.49
N GLY A 438 9.87 24.60 -25.32
CA GLY A 438 8.62 24.26 -24.64
C GLY A 438 8.67 23.04 -23.73
N ASN A 439 9.88 22.59 -23.40
CA ASN A 439 10.03 21.48 -22.47
C ASN A 439 10.26 22.04 -21.08
N PHE A 440 10.74 21.21 -20.16
CA PHE A 440 10.98 21.66 -18.80
C PHE A 440 12.45 21.63 -18.44
N VAL A 441 12.86 22.57 -17.59
CA VAL A 441 14.19 22.52 -17.02
C VAL A 441 14.16 22.98 -15.56
N THR A 442 14.92 22.28 -14.71
CA THR A 442 15.11 22.69 -13.33
C THR A 442 16.44 23.43 -13.18
N LEU A 443 16.36 24.67 -12.71
CA LEU A 443 17.57 25.48 -12.49
C LEU A 443 18.03 25.36 -11.04
N GLU A 444 19.32 25.13 -10.87
CA GLU A 444 19.91 24.97 -9.54
C GLU A 444 20.67 26.22 -9.12
N GLU A 445 21.12 26.23 -7.87
CA GLU A 445 22.01 27.26 -7.34
C GLU A 445 21.42 28.65 -7.44
N GLY A 446 20.09 28.75 -7.37
CA GLY A 446 19.40 30.03 -7.42
C GLY A 446 19.46 30.71 -8.78
N LYS A 447 19.90 29.99 -9.81
CA LYS A 447 20.03 30.57 -11.15
C LYS A 447 18.71 31.06 -11.75
N GLY A 448 17.59 30.61 -11.20
CA GLY A 448 16.31 31.15 -11.59
C GLY A 448 16.21 32.66 -11.38
N ASP A 449 16.93 33.17 -10.38
CA ASP A 449 16.95 34.60 -10.08
C ASP A 449 17.50 35.44 -11.24
N LEU A 450 18.30 34.83 -12.09
CA LEU A 450 18.86 35.52 -13.25
C LEU A 450 17.79 35.90 -14.27
N GLU A 451 16.65 35.23 -14.19
CA GLU A 451 15.49 35.52 -15.05
C GLU A 451 15.79 35.39 -16.55
N GLU A 452 16.59 34.38 -16.89
CA GLU A 452 16.90 34.10 -18.29
C GLU A 452 15.89 33.12 -18.88
N TYR A 453 15.05 32.55 -18.01
CA TYR A 453 14.15 31.46 -18.40
C TYR A 453 12.68 31.69 -18.07
N GLY A 454 12.24 32.94 -18.00
CA GLY A 454 10.84 33.17 -17.73
C GLY A 454 10.39 32.69 -16.36
N GLN A 455 9.07 32.63 -16.17
CA GLN A 455 8.49 32.46 -14.84
C GLN A 455 8.69 31.06 -14.25
N ASP A 456 9.02 31.00 -12.96
CA ASP A 456 9.08 29.77 -12.19
C ASP A 456 7.68 29.15 -12.21
N LEU A 457 7.62 27.86 -12.56
CA LEU A 457 6.34 27.16 -12.64
C LEU A 457 5.86 26.62 -11.29
N LEU A 458 6.72 26.68 -10.28
CA LEU A 458 6.32 26.33 -8.92
C LEU A 458 5.49 27.47 -8.34
N HIS A 459 4.34 27.16 -7.75
CA HIS A 459 3.50 28.16 -7.07
C HIS A 459 3.40 27.83 -5.59
N THR A 460 3.37 28.86 -4.74
CA THR A 460 3.11 28.62 -3.32
C THR A 460 1.72 28.00 -3.14
N VAL A 461 1.69 26.81 -2.56
CA VAL A 461 0.44 26.12 -2.29
C VAL A 461 0.14 26.04 -0.78
N PHE A 462 1.17 26.27 0.04
CA PHE A 462 1.01 26.21 1.48
C PHE A 462 1.95 27.25 2.08
N LYS A 463 1.44 28.03 3.02
CA LYS A 463 2.29 28.98 3.74
C LYS A 463 1.72 29.25 5.13
N ASN A 464 2.53 28.99 6.16
CA ASN A 464 2.17 29.30 7.54
C ASN A 464 0.80 28.81 7.97
N GLY A 465 0.50 27.56 7.61
CA GLY A 465 -0.70 26.91 8.08
C GLY A 465 -1.88 27.04 7.15
N LYS A 466 -1.73 27.77 6.05
CA LYS A 466 -2.84 27.98 5.14
C LYS A 466 -2.57 27.40 3.77
N VAL A 467 -3.58 26.76 3.19
CA VAL A 467 -3.49 26.31 1.81
C VAL A 467 -3.76 27.55 0.95
N THR A 468 -2.79 27.92 0.11
CA THR A 468 -2.83 29.23 -0.54
C THR A 468 -3.22 29.14 -2.01
N LYS A 469 -3.11 27.95 -2.57
CA LYS A 469 -3.56 27.71 -3.95
C LYS A 469 -4.09 26.29 -4.07
N SER A 470 -5.26 26.15 -4.68
CA SER A 470 -5.92 24.85 -4.84
C SER A 470 -6.36 24.61 -6.29
N TYR A 471 -6.46 23.32 -6.65
CA TYR A 471 -6.89 22.92 -7.99
C TYR A 471 -8.14 22.03 -7.89
N SER A 472 -9.10 22.25 -8.79
CA SER A 472 -10.24 21.34 -8.86
C SER A 472 -9.83 20.03 -9.52
N PHE A 473 -10.62 18.98 -9.31
CA PHE A 473 -10.32 17.72 -9.98
C PHE A 473 -10.46 17.88 -11.49
N ASP A 474 -11.38 18.74 -11.92
CA ASP A 474 -11.55 19.04 -13.36
C ASP A 474 -10.27 19.59 -13.99
N GLU A 475 -9.60 20.50 -13.32
CA GLU A 475 -8.38 21.12 -13.85
C GLU A 475 -7.26 20.09 -13.91
N ILE A 476 -7.17 19.27 -12.87
CA ILE A 476 -6.17 18.24 -12.80
C ILE A 476 -6.31 17.24 -13.97
N ARG A 477 -7.53 16.81 -14.23
CA ARG A 477 -7.80 15.94 -15.36
C ARG A 477 -7.37 16.59 -16.68
N LYS A 478 -7.66 17.88 -16.81
CA LYS A 478 -7.28 18.59 -18.02
C LYS A 478 -5.77 18.63 -18.16
N ASN A 479 -5.08 18.88 -17.05
CA ASN A 479 -3.63 18.98 -17.08
C ASN A 479 -2.99 17.64 -17.47
N ALA A 480 -3.62 16.56 -17.07
CA ALA A 480 -3.04 15.23 -17.23
C ALA A 480 -3.42 14.54 -18.54
N GLN A 481 -4.12 15.26 -19.41
CA GLN A 481 -4.55 14.69 -20.70
C GLN A 481 -3.39 14.14 -21.53
N LEU A 482 -3.69 13.12 -22.34
CA LEU A 482 -2.69 12.61 -23.29
C LEU A 482 -2.58 13.56 -24.47
N ASN A 483 -1.42 13.57 -25.11
CA ASN A 483 -1.24 14.32 -26.36
C ASN A 483 -2.21 13.84 -27.44
N ILE A 484 -2.36 12.52 -27.56
CA ILE A 484 -3.26 11.95 -28.56
C ILE A 484 -4.70 12.42 -28.35
N GLU A 485 -5.06 12.71 -27.09
CA GLU A 485 -6.37 13.28 -26.75
C GLU A 485 -6.43 14.74 -27.18
N LEU A 486 -5.36 15.49 -26.89
CA LEU A 486 -5.25 16.87 -27.33
C LEU A 486 -5.36 16.97 -28.85
N GLU A 487 -4.80 15.98 -29.55
CA GLU A 487 -4.90 15.93 -31.01
C GLU A 487 -6.24 15.33 -31.45
N GLU B 8 -16.57 11.03 8.34
CA GLU B 8 -16.66 9.79 9.10
C GLU B 8 -16.83 8.58 8.18
N PHE B 9 -16.19 7.47 8.55
CA PHE B 9 -16.28 6.24 7.79
C PHE B 9 -17.72 5.70 7.74
N ASN B 10 -18.12 5.28 6.55
CA ASN B 10 -19.47 4.79 6.30
C ASN B 10 -19.39 3.42 5.62
N ILE B 11 -19.69 2.37 6.37
CA ILE B 11 -19.57 1.00 5.86
C ILE B 11 -20.44 0.75 4.61
N LEU B 12 -21.53 1.50 4.47
CA LEU B 12 -22.37 1.41 3.28
C LEU B 12 -21.63 1.90 2.02
N LEU B 13 -20.56 2.66 2.21
CA LEU B 13 -19.74 3.12 1.09
C LEU B 13 -18.37 2.45 1.07
N ALA B 14 -18.24 1.33 1.75
CA ALA B 14 -16.92 0.68 1.87
C ALA B 14 -16.90 -0.72 1.27
N THR B 15 -17.46 -0.84 0.08
CA THR B 15 -17.48 -2.12 -0.61
C THR B 15 -17.19 -1.85 -2.09
N ASP B 16 -16.87 -2.89 -2.85
CA ASP B 16 -16.80 -2.74 -4.31
C ASP B 16 -18.17 -2.38 -4.83
N SER B 17 -18.23 -1.43 -5.76
CA SER B 17 -19.50 -0.95 -6.29
C SER B 17 -20.46 -2.06 -6.72
N TYR B 18 -19.94 -3.07 -7.44
CA TYR B 18 -20.85 -4.10 -7.96
C TYR B 18 -21.59 -4.87 -6.85
N LYS B 19 -21.02 -4.89 -5.65
CA LYS B 19 -21.67 -5.61 -4.55
C LYS B 19 -22.97 -4.94 -4.12
N VAL B 20 -23.11 -3.66 -4.44
CA VAL B 20 -24.35 -2.93 -4.18
C VAL B 20 -25.51 -3.58 -4.93
N THR B 21 -25.22 -4.23 -6.05
CA THR B 21 -26.25 -4.86 -6.88
C THR B 21 -26.48 -6.36 -6.63
N HIS B 22 -25.71 -6.97 -5.73
CA HIS B 22 -25.77 -8.42 -5.56
C HIS B 22 -27.01 -8.96 -4.84
N TYR B 23 -27.62 -8.14 -3.99
CA TYR B 23 -28.80 -8.60 -3.28
C TYR B 23 -29.90 -9.08 -4.23
N LYS B 24 -29.91 -8.52 -5.43
CA LYS B 24 -30.89 -8.88 -6.45
C LYS B 24 -30.52 -10.13 -7.25
N GLN B 25 -29.32 -10.65 -7.06
CA GLN B 25 -28.80 -11.70 -7.93
C GLN B 25 -28.78 -13.10 -7.32
N TYR B 26 -28.82 -13.18 -5.99
CA TYR B 26 -28.84 -14.48 -5.32
C TYR B 26 -30.16 -15.21 -5.63
N PRO B 27 -30.17 -16.54 -5.50
CA PRO B 27 -31.42 -17.27 -5.74
C PRO B 27 -32.54 -16.76 -4.82
N PRO B 28 -33.77 -16.69 -5.35
CA PRO B 28 -34.91 -16.30 -4.51
C PRO B 28 -35.00 -17.19 -3.27
N ASN B 29 -35.42 -16.60 -2.15
CA ASN B 29 -35.56 -17.32 -0.89
C ASN B 29 -34.24 -17.86 -0.34
N THR B 30 -33.17 -17.11 -0.51
CA THR B 30 -31.89 -17.45 0.11
C THR B 30 -31.83 -16.80 1.49
N SER B 31 -31.63 -17.63 2.51
CA SER B 31 -31.69 -17.17 3.90
C SER B 31 -30.30 -17.12 4.52
N LYS B 32 -29.33 -17.76 3.88
CA LYS B 32 -27.99 -17.83 4.42
C LYS B 32 -26.94 -17.81 3.33
N VAL B 33 -25.95 -16.93 3.47
CA VAL B 33 -24.72 -16.97 2.69
C VAL B 33 -23.55 -17.10 3.67
N TYR B 34 -22.72 -18.11 3.43
CA TYR B 34 -21.63 -18.46 4.32
C TYR B 34 -20.37 -18.48 3.48
N SER B 35 -19.35 -17.75 3.94
CA SER B 35 -18.13 -17.57 3.18
C SER B 35 -16.89 -17.73 4.05
N TYR B 36 -15.74 -17.88 3.42
CA TYR B 36 -14.51 -18.12 4.18
C TYR B 36 -13.30 -17.47 3.53
N PHE B 37 -12.25 -17.27 4.32
CA PHE B 37 -11.00 -16.70 3.84
C PHE B 37 -9.89 -17.73 4.02
N GLU B 38 -9.07 -17.91 2.99
CA GLU B 38 -7.86 -18.74 3.09
C GLU B 38 -6.68 -18.07 2.38
N CYS B 39 -5.47 -18.53 2.66
CA CYS B 39 -4.30 -18.22 1.85
C CYS B 39 -4.12 -19.45 0.98
N ARG B 40 -4.71 -19.39 -0.21
CA ARG B 40 -4.89 -20.57 -1.06
C ARG B 40 -3.54 -21.20 -1.43
N GLU B 41 -3.52 -22.52 -1.44
CA GLU B 41 -2.31 -23.28 -1.73
C GLU B 41 -2.02 -23.27 -3.24
N LYS B 42 -0.74 -23.22 -3.59
CA LYS B 42 -0.32 -23.33 -4.99
C LYS B 42 0.20 -24.74 -5.30
N LYS B 53 8.46 -21.65 -0.88
CA LYS B 53 8.50 -20.49 0.00
C LYS B 53 7.09 -20.12 0.44
N TYR B 54 6.97 -19.55 1.64
CA TYR B 54 5.69 -19.13 2.21
C TYR B 54 4.71 -20.28 2.38
N GLU B 55 5.19 -21.37 2.96
CA GLU B 55 4.35 -22.55 3.18
C GLU B 55 3.43 -22.38 4.38
N GLU B 56 3.77 -21.45 5.26
CA GLU B 56 2.96 -21.18 6.45
C GLU B 56 2.77 -19.69 6.65
N THR B 57 1.57 -19.27 7.05
CA THR B 57 1.27 -17.86 7.17
C THR B 57 0.97 -17.51 8.63
N VAL B 58 1.29 -16.27 9.01
CA VAL B 58 0.93 -15.76 10.32
C VAL B 58 -0.43 -15.09 10.19
N PHE B 59 -1.44 -15.61 10.87
CA PHE B 59 -2.75 -14.97 10.81
C PHE B 59 -2.77 -13.77 11.75
N TYR B 60 -2.86 -12.57 11.19
CA TYR B 60 -2.80 -11.36 12.02
C TYR B 60 -3.50 -10.19 11.36
N GLY B 61 -4.30 -9.46 12.14
CA GLY B 61 -4.82 -8.18 11.70
C GLY B 61 -6.33 -8.03 11.62
N LEU B 62 -7.06 -9.13 11.77
CA LEU B 62 -8.51 -9.09 11.69
C LEU B 62 -9.10 -8.27 12.84
N GLN B 63 -8.50 -8.40 14.03
CA GLN B 63 -9.00 -7.72 15.22
C GLN B 63 -9.07 -6.19 15.02
N TYR B 64 -8.08 -5.62 14.35
CA TYR B 64 -8.10 -4.19 13.99
C TYR B 64 -9.36 -3.85 13.18
N ILE B 65 -9.63 -4.64 12.16
CA ILE B 65 -10.75 -4.42 11.26
C ILE B 65 -12.09 -4.57 11.99
N LEU B 66 -12.23 -5.61 12.82
CA LEU B 66 -13.45 -5.82 13.59
C LEU B 66 -13.75 -4.60 14.48
N ASN B 67 -12.74 -4.14 15.20
CA ASN B 67 -12.95 -3.01 16.10
C ASN B 67 -13.11 -1.67 15.41
N LYS B 68 -12.31 -1.41 14.39
CA LYS B 68 -12.32 -0.07 13.80
C LYS B 68 -13.53 0.15 12.90
N TYR B 69 -13.95 -0.90 12.21
CA TYR B 69 -14.92 -0.75 11.13
C TYR B 69 -16.24 -1.51 11.29
N LEU B 70 -16.23 -2.63 11.99
CA LEU B 70 -17.40 -3.51 11.97
C LEU B 70 -18.28 -3.50 13.21
N LYS B 71 -17.72 -3.20 14.38
CA LYS B 71 -18.46 -3.36 15.63
C LYS B 71 -19.31 -2.15 15.98
N GLY B 72 -20.35 -2.38 16.79
CA GLY B 72 -21.20 -1.30 17.28
C GLY B 72 -22.22 -0.79 16.27
N LYS B 73 -22.71 0.43 16.46
CA LYS B 73 -23.70 0.98 15.54
C LYS B 73 -22.99 1.56 14.33
N VAL B 74 -22.98 0.80 13.24
CA VAL B 74 -22.29 1.22 12.03
C VAL B 74 -23.26 1.69 10.95
N VAL B 75 -24.55 1.61 11.24
CA VAL B 75 -25.58 2.10 10.32
C VAL B 75 -26.38 3.18 11.02
N THR B 76 -26.56 4.33 10.36
CA THR B 76 -27.45 5.38 10.86
C THR B 76 -28.34 5.87 9.72
N LYS B 77 -29.39 6.63 10.05
CA LYS B 77 -30.25 7.22 9.03
C LYS B 77 -29.45 8.08 8.06
N GLU B 78 -28.48 8.81 8.61
CA GLU B 78 -27.69 9.75 7.83
C GLU B 78 -26.75 9.00 6.88
N LYS B 79 -26.17 7.91 7.35
CA LYS B 79 -25.29 7.09 6.51
C LYS B 79 -26.07 6.39 5.40
N ILE B 80 -27.31 6.01 5.68
CA ILE B 80 -28.14 5.40 4.66
C ILE B 80 -28.51 6.40 3.57
N GLN B 81 -28.92 7.60 4.00
CA GLN B 81 -29.25 8.65 3.04
C GLN B 81 -28.02 9.07 2.22
N GLU B 82 -26.88 9.17 2.88
CA GLU B 82 -25.61 9.44 2.20
C GLU B 82 -25.30 8.43 1.10
N ALA B 83 -25.35 7.13 1.42
CA ALA B 83 -25.08 6.09 0.43
C ALA B 83 -26.11 6.15 -0.71
N LYS B 84 -27.37 6.36 -0.36
CA LYS B 84 -28.43 6.45 -1.36
C LYS B 84 -28.13 7.54 -2.38
N ASP B 85 -27.68 8.70 -1.89
CA ASP B 85 -27.41 9.85 -2.73
C ASP B 85 -26.20 9.60 -3.63
N VAL B 86 -25.13 9.07 -3.04
CA VAL B 86 -23.92 8.74 -3.79
C VAL B 86 -24.16 7.69 -4.87
N TYR B 87 -24.81 6.60 -4.52
CA TYR B 87 -25.05 5.52 -5.48
C TYR B 87 -26.00 5.92 -6.60
N LYS B 88 -26.94 6.81 -6.31
CA LYS B 88 -27.82 7.30 -7.35
C LYS B 88 -27.01 7.95 -8.48
N GLU B 89 -25.98 8.71 -8.14
CA GLU B 89 -25.16 9.35 -9.15
C GLU B 89 -24.13 8.39 -9.74
N HIS B 90 -23.56 7.55 -8.89
CA HIS B 90 -22.52 6.60 -9.28
C HIS B 90 -23.06 5.59 -10.29
N PHE B 91 -24.28 5.09 -10.06
CA PHE B 91 -24.88 4.10 -10.95
C PHE B 91 -25.80 4.73 -12.00
N GLN B 92 -26.06 6.04 -11.86
CA GLN B 92 -27.03 6.72 -12.73
C GLN B 92 -28.37 6.00 -12.69
N ASP B 93 -28.74 5.51 -11.51
CA ASP B 93 -29.92 4.70 -11.35
C ASP B 93 -30.09 4.40 -9.87
N ASP B 94 -31.31 4.03 -9.47
CA ASP B 94 -31.59 3.58 -8.12
C ASP B 94 -31.45 2.07 -8.05
N VAL B 95 -30.37 1.60 -7.47
CA VAL B 95 -30.15 0.17 -7.31
C VAL B 95 -29.80 -0.16 -5.86
N PHE B 96 -29.42 0.85 -5.09
CA PHE B 96 -29.01 0.66 -3.69
C PHE B 96 -30.13 0.06 -2.80
N ASN B 97 -29.76 -0.94 -1.99
CA ASN B 97 -30.72 -1.64 -1.13
C ASN B 97 -31.04 -0.82 0.12
N GLU B 98 -31.79 0.27 -0.04
CA GLU B 98 -32.12 1.12 1.09
C GLU B 98 -32.92 0.36 2.14
N LYS B 99 -33.87 -0.46 1.69
CA LYS B 99 -34.72 -1.23 2.59
C LYS B 99 -33.92 -2.20 3.46
N GLY B 100 -32.95 -2.88 2.86
CA GLY B 100 -32.17 -3.86 3.58
C GLY B 100 -31.35 -3.22 4.69
N TRP B 101 -30.78 -2.05 4.39
CA TRP B 101 -29.99 -1.33 5.38
C TRP B 101 -30.87 -0.72 6.46
N ASN B 102 -32.04 -0.21 6.07
CA ASN B 102 -33.02 0.28 7.04
C ASN B 102 -33.46 -0.81 8.02
N TYR B 103 -33.60 -2.02 7.53
CA TYR B 103 -33.96 -3.16 8.38
C TYR B 103 -32.93 -3.37 9.49
N ILE B 104 -31.65 -3.36 9.13
CA ILE B 104 -30.58 -3.51 10.11
C ILE B 104 -30.60 -2.36 11.12
N LEU B 105 -30.82 -1.14 10.62
CA LEU B 105 -30.96 0.02 11.49
C LEU B 105 -32.11 -0.19 12.49
N GLU B 106 -33.29 -0.53 11.97
CA GLU B 106 -34.48 -0.62 12.82
C GLU B 106 -34.49 -1.84 13.76
N LYS B 107 -34.08 -2.99 13.24
CA LYS B 107 -34.18 -4.23 13.99
C LYS B 107 -33.04 -4.40 14.99
N TYR B 108 -31.84 -3.98 14.61
CA TYR B 108 -30.64 -4.26 15.40
C TYR B 108 -29.91 -3.02 15.89
N ASP B 109 -30.60 -1.89 15.88
CA ASP B 109 -29.99 -0.60 16.21
C ASP B 109 -28.66 -0.42 15.47
N GLY B 110 -28.65 -0.78 14.19
CA GLY B 110 -27.51 -0.56 13.33
C GLY B 110 -26.32 -1.46 13.57
N HIS B 111 -26.49 -2.52 14.35
CA HIS B 111 -25.41 -3.49 14.55
C HIS B 111 -25.55 -4.61 13.51
N LEU B 112 -24.42 -5.08 12.97
CA LEU B 112 -24.43 -6.06 11.87
C LEU B 112 -24.77 -7.47 12.35
N PRO B 113 -25.84 -8.07 11.79
CA PRO B 113 -26.21 -9.45 12.13
C PRO B 113 -25.35 -10.46 11.37
N ILE B 114 -24.12 -10.59 11.84
CA ILE B 114 -23.08 -11.36 11.17
C ILE B 114 -22.36 -12.13 12.26
N GLU B 115 -21.93 -13.37 11.97
CA GLU B 115 -21.04 -14.09 12.86
C GLU B 115 -19.75 -14.41 12.14
N ILE B 116 -18.63 -14.13 12.81
CA ILE B 116 -17.32 -14.41 12.25
C ILE B 116 -16.56 -15.33 13.19
N LYS B 117 -15.99 -16.40 12.66
CA LYS B 117 -15.16 -17.33 13.42
C LYS B 117 -13.76 -17.31 12.85
N ALA B 118 -12.74 -17.34 13.70
CA ALA B 118 -11.38 -17.17 13.21
C ALA B 118 -10.34 -17.96 14.01
N VAL B 119 -9.22 -18.29 13.37
CA VAL B 119 -8.07 -18.84 14.08
C VAL B 119 -7.47 -17.70 14.92
N PRO B 120 -6.87 -18.03 16.08
CA PRO B 120 -6.34 -16.98 16.97
C PRO B 120 -5.29 -16.11 16.29
N GLU B 121 -5.27 -14.82 16.60
CA GLU B 121 -4.29 -13.88 16.04
C GLU B 121 -2.89 -14.33 16.43
N GLY B 122 -1.98 -14.29 15.46
CA GLY B 122 -0.60 -14.70 15.67
C GLY B 122 -0.34 -16.16 15.34
N PHE B 123 -1.39 -16.95 15.14
CA PHE B 123 -1.21 -18.36 14.82
C PHE B 123 -0.47 -18.53 13.50
N VAL B 124 0.44 -19.51 13.46
CA VAL B 124 1.17 -19.88 12.27
C VAL B 124 0.53 -21.13 11.67
N ILE B 125 -0.02 -21.00 10.47
CA ILE B 125 -0.87 -22.03 9.86
C ILE B 125 -0.45 -22.28 8.42
N PRO B 126 -0.36 -23.55 8.01
CA PRO B 126 -0.02 -23.85 6.61
C PRO B 126 -1.04 -23.31 5.62
N ARG B 127 -0.55 -22.99 4.42
CA ARG B 127 -1.40 -22.56 3.31
C ARG B 127 -2.55 -23.53 3.06
N GLY B 128 -3.70 -22.98 2.66
CA GLY B 128 -4.81 -23.81 2.22
C GLY B 128 -5.73 -24.23 3.35
N ASN B 129 -5.59 -23.57 4.50
CA ASN B 129 -6.51 -23.80 5.61
C ASN B 129 -7.52 -22.66 5.76
N VAL B 130 -8.69 -22.99 6.28
CA VAL B 130 -9.66 -21.95 6.63
C VAL B 130 -9.07 -21.10 7.75
N LEU B 131 -9.05 -19.77 7.55
CA LEU B 131 -8.51 -18.85 8.56
C LEU B 131 -9.65 -18.13 9.28
N PHE B 132 -10.67 -17.73 8.51
CA PHE B 132 -11.90 -17.23 9.10
C PHE B 132 -13.14 -17.50 8.24
N THR B 133 -14.30 -17.51 8.89
CA THR B 133 -15.56 -17.71 8.17
C THR B 133 -16.52 -16.59 8.54
N VAL B 134 -17.46 -16.31 7.65
CA VAL B 134 -18.45 -15.24 7.84
C VAL B 134 -19.81 -15.74 7.41
N GLU B 135 -20.84 -15.49 8.21
CA GLU B 135 -22.21 -15.79 7.79
C GLU B 135 -23.20 -14.83 8.44
N ASN B 136 -24.34 -14.62 7.79
CA ASN B 136 -25.40 -13.80 8.36
C ASN B 136 -26.14 -14.56 9.45
N THR B 137 -26.64 -13.84 10.44
CA THR B 137 -27.37 -14.47 11.54
C THR B 137 -28.86 -14.19 11.45
N ASP B 138 -29.26 -13.35 10.50
CA ASP B 138 -30.67 -13.06 10.21
C ASP B 138 -30.90 -13.39 8.73
N PRO B 139 -31.97 -14.18 8.44
CA PRO B 139 -32.33 -14.54 7.05
C PRO B 139 -32.50 -13.34 6.12
N GLU B 140 -33.04 -12.23 6.62
CA GLU B 140 -33.19 -11.04 5.80
C GLU B 140 -31.86 -10.46 5.32
N CYS B 141 -30.76 -10.83 5.98
CA CYS B 141 -29.47 -10.22 5.68
C CYS B 141 -28.51 -11.18 4.99
N TYR B 142 -29.05 -12.07 4.16
CA TYR B 142 -28.25 -13.01 3.37
C TYR B 142 -27.22 -12.26 2.51
N TRP B 143 -27.53 -11.02 2.13
CA TRP B 143 -26.71 -10.23 1.21
C TRP B 143 -25.54 -9.57 1.93
N LEU B 144 -25.57 -9.60 3.25
CA LEU B 144 -24.61 -8.85 4.07
C LEU B 144 -23.24 -9.55 4.14
N THR B 145 -23.26 -10.88 4.12
CA THR B 145 -22.04 -11.68 4.17
C THR B 145 -20.99 -11.24 3.16
N ASN B 146 -21.39 -11.13 1.90
CA ASN B 146 -20.40 -10.72 0.90
C ASN B 146 -20.27 -9.22 0.66
N TRP B 147 -21.19 -8.43 1.21
CA TRP B 147 -21.03 -6.98 1.23
C TRP B 147 -19.69 -6.63 1.87
N ILE B 148 -19.40 -7.28 2.99
CA ILE B 148 -18.21 -6.95 3.75
C ILE B 148 -16.97 -7.73 3.32
N GLU B 149 -17.06 -8.45 2.21
CA GLU B 149 -15.88 -9.12 1.64
C GLU B 149 -14.72 -8.14 1.46
N THR B 150 -15.00 -7.01 0.81
CA THR B 150 -13.95 -6.07 0.46
C THR B 150 -13.15 -5.60 1.68
N ILE B 151 -13.85 -5.19 2.72
CA ILE B 151 -13.24 -4.75 3.99
C ILE B 151 -12.41 -5.85 4.65
N LEU B 152 -12.95 -7.06 4.70
CA LEU B 152 -12.29 -8.15 5.39
C LEU B 152 -11.09 -8.67 4.62
N VAL B 153 -11.17 -8.62 3.29
CA VAL B 153 -10.09 -9.14 2.44
C VAL B 153 -8.80 -8.31 2.57
N GLN B 154 -8.94 -7.05 2.97
CA GLN B 154 -7.78 -6.21 3.23
C GLN B 154 -6.92 -6.74 4.38
N SER B 155 -7.41 -7.73 5.10
CA SER B 155 -6.60 -8.42 6.09
C SER B 155 -5.40 -9.11 5.42
N TRP B 156 -5.43 -9.28 4.10
CA TRP B 156 -4.28 -9.83 3.38
C TRP B 156 -3.00 -9.07 3.72
N TYR B 157 -3.11 -7.77 3.95
CA TYR B 157 -1.91 -6.95 4.11
C TYR B 157 -1.19 -7.24 5.44
N PRO B 158 -1.87 -7.10 6.57
CA PRO B 158 -1.16 -7.47 7.81
C PRO B 158 -0.72 -8.94 7.85
N ILE B 159 -1.51 -9.84 7.29
CA ILE B 159 -1.09 -11.25 7.25
C ILE B 159 0.21 -11.39 6.45
N THR B 160 0.27 -10.72 5.32
CA THR B 160 1.40 -10.92 4.42
C THR B 160 2.63 -10.24 4.97
N VAL B 161 2.45 -9.06 5.55
CA VAL B 161 3.56 -8.37 6.21
C VAL B 161 4.10 -9.16 7.39
N ALA B 162 3.20 -9.65 8.23
CA ALA B 162 3.60 -10.44 9.40
C ALA B 162 4.33 -11.70 8.96
N THR B 163 3.84 -12.33 7.90
CA THR B 163 4.43 -13.56 7.39
C THR B 163 5.81 -13.33 6.78
N ASN B 164 5.93 -12.32 5.92
CA ASN B 164 7.20 -12.01 5.30
C ASN B 164 8.27 -11.64 6.33
N PHE B 165 7.92 -10.83 7.33
CA PHE B 165 8.89 -10.52 8.37
C PHE B 165 9.29 -11.71 9.23
N ARG B 166 8.34 -12.62 9.48
CA ARG B 166 8.69 -13.86 10.19
C ARG B 166 9.67 -14.69 9.36
N GLU B 167 9.47 -14.73 8.04
CA GLU B 167 10.39 -15.47 7.18
C GLU B 167 11.79 -14.82 7.19
N GLN B 168 11.85 -13.50 7.22
CA GLN B 168 13.14 -12.82 7.36
C GLN B 168 13.80 -13.13 8.72
N LYS B 169 12.99 -13.17 9.77
CA LYS B 169 13.50 -13.51 11.10
C LYS B 169 14.10 -14.92 11.14
N LYS B 170 13.52 -15.87 10.39
CA LYS B 170 14.05 -17.24 10.36
C LYS B 170 15.46 -17.25 9.80
N ILE B 171 15.66 -16.47 8.73
CA ILE B 171 16.98 -16.37 8.11
C ILE B 171 17.97 -15.76 9.08
N LEU B 172 17.58 -14.65 9.69
CA LEU B 172 18.45 -13.99 10.67
C LEU B 172 18.77 -14.91 11.84
N ALA B 173 17.77 -15.64 12.33
CA ALA B 173 18.00 -16.54 13.47
C ALA B 173 19.00 -17.64 13.11
N LYS B 174 18.83 -18.22 11.93
CA LYS B 174 19.72 -19.30 11.49
C LYS B 174 21.18 -18.86 11.48
N TYR B 175 21.43 -17.71 10.84
CA TYR B 175 22.79 -17.23 10.67
C TYR B 175 23.39 -16.64 11.94
N LEU B 176 22.57 -15.99 12.75
CA LEU B 176 23.03 -15.48 14.03
C LEU B 176 23.39 -16.65 14.96
N LEU B 177 22.58 -17.70 14.94
CA LEU B 177 22.86 -18.87 15.76
C LEU B 177 24.17 -19.54 15.32
N GLU B 178 24.34 -19.66 14.02
CA GLU B 178 25.51 -20.35 13.48
C GLU B 178 26.79 -19.58 13.78
N THR B 179 26.75 -18.27 13.63
CA THR B 179 27.97 -17.47 13.77
C THR B 179 28.28 -16.98 15.19
N SER B 180 27.30 -17.07 16.10
CA SER B 180 27.50 -16.55 17.46
C SER B 180 27.21 -17.57 18.57
N GLY B 181 26.43 -18.59 18.26
CA GLY B 181 26.10 -19.60 19.25
C GLY B 181 24.83 -19.32 20.04
N ASN B 182 24.21 -18.17 19.78
CA ASN B 182 22.97 -17.80 20.48
C ASN B 182 22.10 -16.90 19.63
N LEU B 183 20.95 -16.49 20.18
CA LEU B 183 20.03 -15.61 19.47
C LEU B 183 19.92 -14.22 20.11
N ASP B 184 20.91 -13.84 20.90
CA ASP B 184 20.87 -12.52 21.55
C ASP B 184 20.75 -11.38 20.53
N GLY B 185 19.75 -10.53 20.73
CA GLY B 185 19.57 -9.34 19.90
C GLY B 185 18.79 -9.59 18.64
N LEU B 186 18.35 -10.83 18.43
CA LEU B 186 17.62 -11.19 17.21
C LEU B 186 16.43 -10.25 16.95
N GLU B 187 15.69 -9.94 18.01
CA GLU B 187 14.47 -9.12 17.87
C GLU B 187 14.74 -7.66 17.52
N TYR B 188 16.02 -7.29 17.44
CA TYR B 188 16.43 -5.93 17.03
C TYR B 188 17.25 -5.93 15.75
N LYS B 189 17.24 -7.05 15.02
CA LYS B 189 18.11 -7.21 13.85
C LYS B 189 17.51 -6.69 12.56
N LEU B 190 16.20 -6.45 12.56
CA LEU B 190 15.53 -5.94 11.36
C LEU B 190 14.59 -4.79 11.74
N HIS B 191 15.06 -3.57 11.51
CA HIS B 191 14.38 -2.37 11.99
C HIS B 191 13.46 -1.87 10.88
N ASP B 192 12.27 -1.39 11.23
CA ASP B 192 11.33 -0.90 10.21
C ASP B 192 11.69 0.54 9.80
N PHE B 193 12.09 0.71 8.54
CA PHE B 193 12.44 2.01 7.94
C PHE B 193 11.37 2.47 6.94
N GLY B 194 10.22 1.78 6.88
CA GLY B 194 9.34 1.94 5.73
C GLY B 194 8.24 3.00 5.75
N TYR B 195 8.25 3.89 6.75
CA TYR B 195 7.16 4.85 6.91
C TYR B 195 6.92 5.66 5.62
N ARG B 196 8.00 6.21 5.06
CA ARG B 196 7.86 7.10 3.90
C ARG B 196 7.49 6.36 2.63
N GLY B 197 7.74 5.04 2.62
CA GLY B 197 7.61 4.25 1.42
C GLY B 197 6.32 3.45 1.29
N VAL B 198 5.42 3.59 2.27
CA VAL B 198 4.10 3.00 2.13
C VAL B 198 3.11 4.02 1.58
N SER B 199 1.89 3.57 1.31
CA SER B 199 0.94 4.33 0.51
C SER B 199 0.08 5.33 1.29
N SER B 200 0.07 5.24 2.61
CA SER B 200 -0.79 6.11 3.42
C SER B 200 -0.43 6.02 4.90
N GLN B 201 -0.97 6.96 5.67
CA GLN B 201 -0.80 6.96 7.11
C GLN B 201 -1.44 5.73 7.74
N GLU B 202 -2.61 5.35 7.24
CA GLU B 202 -3.29 4.20 7.84
C GLU B 202 -2.48 2.92 7.57
N THR B 203 -2.03 2.76 6.34
CA THR B 203 -1.19 1.62 5.97
C THR B 203 0.08 1.57 6.81
N ALA B 204 0.68 2.73 7.06
CA ALA B 204 1.88 2.76 7.88
C ALA B 204 1.65 2.13 9.25
N GLY B 205 0.54 2.51 9.90
CA GLY B 205 0.23 1.96 11.21
C GLY B 205 -0.05 0.45 11.16
N ILE B 206 -0.84 0.01 10.19
CA ILE B 206 -1.17 -1.41 10.08
C ILE B 206 0.09 -2.24 9.79
N GLY B 207 0.86 -1.80 8.80
CA GLY B 207 2.06 -2.53 8.41
C GLY B 207 3.12 -2.55 9.51
N ALA B 208 3.29 -1.44 10.19
CA ALA B 208 4.25 -1.40 11.29
C ALA B 208 3.82 -2.37 12.40
N SER B 209 2.52 -2.42 12.69
CA SER B 209 2.03 -3.34 13.71
C SER B 209 2.35 -4.78 13.34
N ALA B 210 2.27 -5.09 12.04
CA ALA B 210 2.57 -6.44 11.57
C ALA B 210 4.07 -6.75 11.67
N HIS B 211 4.90 -5.75 11.39
CA HIS B 211 6.34 -5.90 11.59
C HIS B 211 6.66 -6.18 13.07
N LEU B 212 5.98 -5.48 13.97
CA LEU B 212 6.24 -5.57 15.41
C LEU B 212 5.78 -6.88 16.03
N VAL B 213 5.01 -7.66 15.27
CA VAL B 213 4.69 -9.03 15.69
C VAL B 213 5.98 -9.84 15.80
N ASN B 214 6.95 -9.46 14.98
CA ASN B 214 8.20 -10.21 14.80
C ASN B 214 9.43 -9.56 15.42
N PHE B 215 9.46 -8.23 15.40
CA PHE B 215 10.63 -7.47 15.86
C PHE B 215 10.23 -6.34 16.83
N LYS B 216 11.22 -5.69 17.42
CA LYS B 216 10.96 -4.63 18.40
C LYS B 216 11.55 -3.25 18.06
N GLY B 217 12.28 -3.16 16.94
CA GLY B 217 12.88 -1.88 16.56
C GLY B 217 12.12 -1.27 15.39
N THR B 218 11.57 -0.08 15.57
CA THR B 218 10.83 0.55 14.48
C THR B 218 10.98 2.06 14.48
N ASP B 219 10.98 2.67 13.29
CA ASP B 219 10.90 4.12 13.16
C ASP B 219 9.51 4.55 12.69
N THR B 220 8.61 3.59 12.50
CA THR B 220 7.25 3.94 12.08
C THR B 220 6.37 4.11 13.31
N VAL B 221 6.37 5.33 13.80
CA VAL B 221 5.73 5.66 15.07
C VAL B 221 4.22 5.33 15.08
N ALA B 222 3.59 5.42 13.91
CA ALA B 222 2.17 5.11 13.72
C ALA B 222 1.76 3.74 14.29
N GLY B 223 2.69 2.79 14.25
CA GLY B 223 2.44 1.45 14.74
C GLY B 223 2.16 1.35 16.23
N LEU B 224 2.79 2.22 17.00
CA LEU B 224 2.68 2.15 18.46
C LEU B 224 1.24 2.43 18.90
N ALA B 225 0.65 3.49 18.38
CA ALA B 225 -0.67 3.91 18.80
C ALA B 225 -1.72 2.89 18.37
N LEU B 226 -1.53 2.28 17.22
CA LEU B 226 -2.47 1.26 16.74
C LEU B 226 -2.44 0.07 17.68
N ILE B 227 -1.24 -0.39 18.03
CA ILE B 227 -1.13 -1.54 18.93
C ILE B 227 -1.75 -1.24 20.29
N LYS B 228 -1.46 -0.05 20.81
CA LYS B 228 -2.01 0.35 22.11
C LYS B 228 -3.54 0.37 22.11
N LYS B 229 -4.13 0.89 21.03
CA LYS B 229 -5.58 1.04 20.94
C LYS B 229 -6.33 -0.26 20.70
N TYR B 230 -5.79 -1.12 19.83
CA TYR B 230 -6.53 -2.30 19.37
C TYR B 230 -6.08 -3.64 19.94
N TYR B 231 -4.87 -3.69 20.48
CA TYR B 231 -4.33 -4.98 20.95
C TYR B 231 -3.84 -4.96 22.40
N GLY B 232 -2.92 -4.05 22.70
CA GLY B 232 -2.41 -3.90 24.05
C GLY B 232 -1.13 -4.67 24.35
N THR B 233 -0.22 -4.02 25.07
CA THR B 233 1.00 -4.68 25.56
C THR B 233 1.17 -4.39 27.05
N LYS B 234 1.83 -5.31 27.75
CA LYS B 234 2.16 -5.10 29.16
C LYS B 234 3.12 -3.93 29.28
N ASP B 235 4.11 -3.90 28.40
CA ASP B 235 5.06 -2.79 28.35
C ASP B 235 4.42 -1.50 27.86
N PRO B 236 4.98 -0.35 28.26
CA PRO B 236 4.49 0.95 27.79
C PRO B 236 4.38 1.05 26.26
N VAL B 237 5.41 0.61 25.54
CA VAL B 237 5.38 0.61 24.08
C VAL B 237 5.87 -0.71 23.51
N PRO B 238 5.38 -1.08 22.31
CA PRO B 238 5.78 -2.34 21.68
C PRO B 238 7.09 -2.24 20.92
N GLY B 239 7.56 -1.02 20.65
CA GLY B 239 8.75 -0.87 19.81
C GLY B 239 9.58 0.35 20.14
N TYR B 240 10.84 0.32 19.71
CA TYR B 240 11.84 1.28 20.16
C TYR B 240 12.70 1.82 19.03
N SER B 241 13.38 2.95 19.29
CA SER B 241 14.36 3.47 18.34
C SER B 241 15.45 4.20 19.11
N VAL B 242 16.49 4.64 18.39
CA VAL B 242 17.59 5.38 18.99
C VAL B 242 17.98 6.50 18.03
N PRO B 243 18.76 7.46 18.51
CA PRO B 243 19.09 8.58 17.62
C PRO B 243 19.90 8.16 16.39
N ALA B 244 19.71 8.87 15.28
CA ALA B 244 20.48 8.61 14.08
C ALA B 244 20.48 9.84 13.18
N ALA B 245 21.49 9.95 12.32
CA ALA B 245 21.56 11.04 11.35
C ALA B 245 20.78 10.70 10.09
N GLU B 246 20.54 11.69 9.24
CA GLU B 246 20.07 11.43 7.89
C GLU B 246 20.97 12.23 6.99
N HIS B 247 20.85 12.07 5.67
CA HIS B 247 21.77 12.78 4.80
C HIS B 247 21.73 14.29 5.03
N SER B 248 20.55 14.84 5.31
CA SER B 248 20.44 16.29 5.50
C SER B 248 21.24 16.81 6.71
N THR B 249 21.34 16.02 7.77
CA THR B 249 22.09 16.49 8.94
C THR B 249 23.60 16.35 8.79
N ILE B 250 24.04 15.62 7.77
CA ILE B 250 25.45 15.55 7.44
C ILE B 250 25.75 16.60 6.37
N THR B 251 24.99 16.58 5.29
CA THR B 251 25.31 17.43 4.15
C THR B 251 25.09 18.92 4.44
N ALA B 252 24.24 19.25 5.41
CA ALA B 252 24.00 20.66 5.77
C ALA B 252 25.28 21.38 6.23
N TRP B 253 26.26 20.60 6.72
CA TRP B 253 27.52 21.18 7.19
C TRP B 253 28.44 21.62 6.04
N GLY B 254 28.11 21.21 4.83
CA GLY B 254 28.95 21.51 3.67
C GLY B 254 29.85 20.35 3.31
N LYS B 255 30.16 20.20 2.03
CA LYS B 255 30.93 19.06 1.53
C LYS B 255 32.30 18.88 2.19
N ASP B 256 32.92 19.98 2.61
CA ASP B 256 34.24 19.91 3.23
C ASP B 256 34.20 19.69 4.73
N HIS B 257 33.00 19.55 5.29
CA HIS B 257 32.85 19.46 6.74
C HIS B 257 32.12 18.21 7.21
N GLU B 258 32.25 17.13 6.45
CA GLU B 258 31.65 15.87 6.87
C GLU B 258 32.18 15.41 8.23
N LYS B 259 33.49 15.56 8.45
CA LYS B 259 34.08 15.20 9.73
C LYS B 259 33.49 16.03 10.87
N ASP B 260 33.29 17.32 10.64
CA ASP B 260 32.72 18.19 11.67
C ASP B 260 31.31 17.74 12.03
N ALA B 261 30.54 17.31 11.03
CA ALA B 261 29.20 16.81 11.25
C ALA B 261 29.23 15.57 12.11
N PHE B 262 30.06 14.60 11.72
CA PHE B 262 30.21 13.34 12.46
C PHE B 262 30.58 13.61 13.93
N GLU B 263 31.57 14.49 14.15
CA GLU B 263 32.04 14.77 15.51
C GLU B 263 30.94 15.37 16.38
N HIS B 264 30.19 16.30 15.81
CA HIS B 264 29.10 16.98 16.53
C HIS B 264 28.04 15.97 16.92
N ILE B 265 27.65 15.14 15.95
CA ILE B 265 26.57 14.19 16.20
C ILE B 265 26.94 13.15 17.26
N VAL B 266 28.10 12.53 17.15
CA VAL B 266 28.48 11.53 18.15
C VAL B 266 28.72 12.16 19.52
N THR B 267 29.11 13.42 19.54
CA THR B 267 29.31 14.15 20.80
C THR B 267 27.96 14.54 21.43
N GLN B 268 26.99 14.94 20.60
CA GLN B 268 25.64 15.21 21.11
C GLN B 268 25.01 13.95 21.70
N PHE B 269 25.31 12.80 21.11
CA PHE B 269 24.74 11.52 21.54
C PHE B 269 25.86 10.60 22.03
N SER B 270 26.55 11.05 23.07
CA SER B 270 27.76 10.39 23.53
C SER B 270 27.49 9.18 24.42
N SER B 271 26.29 9.11 25.01
CA SER B 271 26.01 8.08 26.01
C SER B 271 24.82 7.20 25.67
N VAL B 272 24.32 7.32 24.43
CA VAL B 272 23.28 6.43 23.93
C VAL B 272 23.74 5.89 22.58
N PRO B 273 23.13 4.79 22.10
CA PRO B 273 23.46 4.31 20.76
C PRO B 273 23.19 5.39 19.74
N VAL B 274 24.05 5.51 18.73
CA VAL B 274 23.79 6.46 17.65
C VAL B 274 24.22 5.88 16.30
N SER B 275 23.37 6.05 15.31
CA SER B 275 23.67 5.56 13.98
C SER B 275 23.94 6.75 13.07
N VAL B 276 25.01 6.69 12.28
CA VAL B 276 25.38 7.82 11.43
C VAL B 276 25.60 7.35 10.00
N VAL B 277 24.74 7.85 9.11
CA VAL B 277 24.87 7.52 7.69
C VAL B 277 26.19 8.09 7.18
N SER B 278 26.95 7.26 6.48
CA SER B 278 28.35 7.58 6.21
C SER B 278 28.70 7.61 4.72
N ASP B 279 27.69 7.60 3.86
CA ASP B 279 27.92 7.48 2.43
C ASP B 279 27.56 8.74 1.64
N SER B 280 27.38 9.87 2.33
CA SER B 280 27.01 11.12 1.66
C SER B 280 27.93 11.43 0.48
N TYR B 281 29.22 11.14 0.62
CA TYR B 281 30.19 11.43 -0.45
C TYR B 281 31.07 10.24 -0.82
N ASP B 282 31.61 9.58 0.20
CA ASP B 282 32.49 8.43 -0.04
C ASP B 282 32.50 7.56 1.21
N ILE B 283 31.68 6.52 1.20
CA ILE B 283 31.56 5.61 2.34
C ILE B 283 32.89 5.01 2.76
N TYR B 284 33.75 4.66 1.80
CA TYR B 284 34.99 3.97 2.14
C TYR B 284 35.97 4.92 2.82
N ASN B 285 36.04 6.14 2.31
CA ASN B 285 36.83 7.19 2.97
C ASN B 285 36.29 7.54 4.35
N ALA B 286 34.97 7.61 4.46
CA ALA B 286 34.35 7.93 5.76
C ALA B 286 34.74 6.88 6.80
N CYS B 287 34.66 5.62 6.42
CA CYS B 287 34.98 4.54 7.34
C CYS B 287 36.47 4.48 7.67
N GLU B 288 37.31 4.55 6.65
CA GLU B 288 38.74 4.33 6.87
C GLU B 288 39.44 5.55 7.46
N LYS B 289 39.14 6.73 6.93
CA LYS B 289 39.87 7.94 7.32
C LYS B 289 39.18 8.79 8.38
N ILE B 290 37.87 8.96 8.28
CA ILE B 290 37.18 9.83 9.23
C ILE B 290 36.92 9.07 10.53
N TRP B 291 36.11 8.03 10.46
CA TRP B 291 35.88 7.19 11.65
C TRP B 291 37.13 6.46 12.12
N GLY B 292 37.88 5.91 11.17
CA GLY B 292 38.98 5.01 11.48
C GLY B 292 40.28 5.69 11.87
N GLU B 293 40.37 7.00 11.62
CA GLU B 293 41.56 7.75 11.95
C GLU B 293 41.25 9.07 12.68
N ASP B 294 40.66 10.02 11.96
CA ASP B 294 40.44 11.37 12.51
C ASP B 294 39.62 11.41 13.79
N LEU B 295 38.58 10.58 13.85
CA LEU B 295 37.64 10.59 14.97
C LEU B 295 37.67 9.30 15.78
N ARG B 296 38.67 8.45 15.53
CA ARG B 296 38.76 7.15 16.17
C ARG B 296 38.71 7.26 17.70
N HIS B 297 39.36 8.29 18.24
CA HIS B 297 39.44 8.50 19.68
C HIS B 297 38.06 8.76 20.30
N LEU B 298 37.12 9.23 19.49
CA LEU B 298 35.76 9.50 19.98
C LEU B 298 34.89 8.24 19.93
N ILE B 299 35.37 7.22 19.22
CA ILE B 299 34.62 5.99 19.08
C ILE B 299 35.08 4.92 20.10
N VAL B 300 36.39 4.74 20.23
CA VAL B 300 36.90 3.69 21.11
C VAL B 300 36.64 3.97 22.60
N SER B 301 36.19 5.19 22.89
CA SER B 301 35.91 5.61 24.25
C SER B 301 34.45 5.37 24.65
N ARG B 302 33.62 4.94 23.70
CA ARG B 302 32.18 4.76 23.93
C ARG B 302 31.82 3.48 24.67
N SER B 303 30.69 3.53 25.36
CA SER B 303 30.20 2.40 26.15
C SER B 303 29.57 1.32 25.27
N THR B 304 29.61 0.09 25.77
CA THR B 304 28.97 -1.04 25.09
C THR B 304 27.47 -0.83 24.94
N GLN B 305 26.92 -0.02 25.84
CA GLN B 305 25.52 0.34 25.76
C GLN B 305 25.28 1.53 24.84
N ALA B 306 26.35 2.10 24.27
CA ALA B 306 26.23 3.29 23.42
C ALA B 306 27.12 3.24 22.17
N PRO B 307 26.98 2.18 21.37
CA PRO B 307 27.87 2.01 20.21
C PRO B 307 27.59 3.05 19.13
N LEU B 308 28.61 3.35 18.33
CA LEU B 308 28.40 3.98 17.04
C LEU B 308 27.95 2.90 16.07
N ILE B 309 26.86 3.17 15.35
CA ILE B 309 26.40 2.23 14.34
C ILE B 309 26.56 2.89 12.98
N ILE B 310 27.56 2.45 12.21
CA ILE B 310 27.81 3.03 10.91
C ILE B 310 26.79 2.52 9.89
N ARG B 311 26.23 3.44 9.08
CA ARG B 311 25.23 3.09 8.09
C ARG B 311 25.67 3.44 6.68
N PRO B 312 26.09 2.42 5.92
CA PRO B 312 26.21 2.62 4.46
C PRO B 312 24.80 2.66 3.89
N ASP B 313 24.61 3.29 2.73
CA ASP B 313 23.26 3.43 2.18
C ASP B 313 23.23 3.46 0.65
N SER B 314 24.28 2.93 0.02
CA SER B 314 24.33 2.94 -1.45
C SER B 314 25.36 1.93 -1.95
N GLY B 315 25.34 1.66 -3.26
CA GLY B 315 26.20 0.64 -3.85
C GLY B 315 25.54 -0.73 -3.72
N ASN B 316 26.22 -1.77 -4.22
CA ASN B 316 25.74 -3.13 -4.07
C ASN B 316 25.70 -3.46 -2.57
N PRO B 317 24.52 -3.83 -2.03
CA PRO B 317 24.40 -4.03 -0.57
C PRO B 317 25.40 -5.04 0.00
N LEU B 318 25.51 -6.21 -0.63
CA LEU B 318 26.46 -7.21 -0.16
C LEU B 318 27.91 -6.73 -0.27
N ASP B 319 28.32 -6.28 -1.45
CA ASP B 319 29.71 -5.83 -1.63
C ASP B 319 30.07 -4.71 -0.67
N THR B 320 29.11 -3.82 -0.42
CA THR B 320 29.37 -2.64 0.39
C THR B 320 29.52 -3.03 1.86
N VAL B 321 28.60 -3.85 2.36
CA VAL B 321 28.73 -4.37 3.72
C VAL B 321 30.08 -5.07 3.96
N LEU B 322 30.46 -5.95 3.03
CA LEU B 322 31.73 -6.68 3.17
C LEU B 322 32.93 -5.75 3.17
N LYS B 323 32.95 -4.76 2.28
CA LYS B 323 34.06 -3.82 2.25
C LYS B 323 34.09 -2.95 3.50
N VAL B 324 32.93 -2.50 3.97
CA VAL B 324 32.86 -1.69 5.18
C VAL B 324 33.42 -2.47 6.37
N LEU B 325 33.03 -3.75 6.50
CA LEU B 325 33.56 -4.58 7.58
C LEU B 325 35.08 -4.77 7.46
N GLU B 326 35.57 -5.06 6.26
CA GLU B 326 37.03 -5.19 6.08
C GLU B 326 37.78 -3.91 6.44
N ILE B 327 37.23 -2.76 6.08
CA ILE B 327 37.86 -1.49 6.45
C ILE B 327 37.91 -1.33 7.96
N LEU B 328 36.78 -1.54 8.62
CA LEU B 328 36.69 -1.33 10.06
C LEU B 328 37.56 -2.33 10.80
N GLY B 329 37.61 -3.54 10.28
CA GLY B 329 38.42 -4.61 10.85
C GLY B 329 39.89 -4.29 10.89
N LYS B 330 40.34 -3.43 9.98
CA LYS B 330 41.74 -3.04 9.98
C LYS B 330 42.04 -1.78 10.76
N LYS B 331 41.02 -1.02 11.14
CA LYS B 331 41.23 0.21 11.92
C LYS B 331 40.87 0.04 13.40
N PHE B 332 40.11 -1.01 13.72
CA PHE B 332 39.62 -1.23 15.08
C PHE B 332 39.97 -2.64 15.55
N PRO B 333 40.07 -2.82 16.88
CA PRO B 333 40.49 -4.14 17.37
C PRO B 333 39.39 -5.18 17.20
N VAL B 334 39.63 -6.17 16.36
CA VAL B 334 38.66 -7.24 16.13
C VAL B 334 39.02 -8.47 16.94
N THR B 335 38.00 -9.14 17.47
CA THR B 335 38.22 -10.36 18.20
C THR B 335 37.65 -11.53 17.40
N GLU B 336 37.86 -12.74 17.91
CA GLU B 336 37.27 -13.90 17.30
C GLU B 336 36.41 -14.58 18.36
N ASN B 337 35.12 -14.72 18.10
CA ASN B 337 34.22 -15.29 19.09
C ASN B 337 34.41 -16.80 19.22
N SER B 338 33.63 -17.44 20.10
CA SER B 338 33.85 -18.85 20.39
C SER B 338 33.52 -19.77 19.21
N LYS B 339 32.79 -19.24 18.22
CA LYS B 339 32.43 -20.02 17.03
C LYS B 339 33.43 -19.80 15.91
N GLY B 340 34.40 -18.92 16.13
CA GLY B 340 35.47 -18.70 15.17
C GLY B 340 35.20 -17.54 14.22
N TYR B 341 34.17 -16.76 14.51
CA TYR B 341 33.81 -15.64 13.64
C TYR B 341 34.35 -14.31 14.18
N LYS B 342 34.65 -13.40 13.26
CA LYS B 342 35.20 -12.10 13.63
C LYS B 342 34.13 -11.19 14.21
N LEU B 343 34.51 -10.43 15.24
CA LEU B 343 33.58 -9.54 15.93
C LEU B 343 34.22 -8.17 16.15
N LEU B 344 33.53 -7.11 15.71
CA LEU B 344 33.97 -5.75 15.98
C LEU B 344 33.90 -5.50 17.48
N PRO B 345 34.65 -4.50 17.98
CA PRO B 345 34.54 -4.18 19.39
C PRO B 345 33.12 -3.71 19.73
N PRO B 346 32.71 -3.81 21.01
CA PRO B 346 31.28 -3.61 21.31
C PRO B 346 30.79 -2.18 21.13
N TYR B 347 31.69 -1.22 20.98
CA TYR B 347 31.29 0.17 20.75
C TYR B 347 31.08 0.47 19.27
N LEU B 348 31.16 -0.56 18.42
CA LEU B 348 31.09 -0.33 16.97
C LEU B 348 30.28 -1.41 16.25
N ARG B 349 29.27 -0.97 15.49
CA ARG B 349 28.41 -1.88 14.73
C ARG B 349 28.07 -1.26 13.38
N VAL B 350 27.41 -2.05 12.52
CA VAL B 350 27.00 -1.61 11.20
C VAL B 350 25.50 -1.84 11.01
N ILE B 351 24.83 -0.96 10.29
CA ILE B 351 23.46 -1.24 9.86
C ILE B 351 23.31 -0.99 8.36
N GLN B 352 22.69 -1.94 7.67
CA GLN B 352 22.44 -1.82 6.24
C GLN B 352 20.95 -1.70 6.02
N GLY B 353 20.52 -0.55 5.50
CA GLY B 353 19.10 -0.30 5.32
C GLY B 353 18.73 0.05 3.89
N ASP B 354 19.65 -0.19 2.95
CA ASP B 354 19.35 0.06 1.55
C ASP B 354 19.23 -1.25 0.78
N GLY B 355 18.12 -1.40 0.07
CA GLY B 355 17.93 -2.55 -0.79
C GLY B 355 17.74 -3.87 -0.07
N VAL B 356 17.29 -3.83 1.19
CA VAL B 356 17.15 -5.08 1.94
C VAL B 356 15.75 -5.68 1.87
N ASP B 357 15.60 -6.70 1.05
CA ASP B 357 14.38 -7.50 1.03
C ASP B 357 14.77 -8.90 1.45
N ILE B 358 13.84 -9.84 1.42
CA ILE B 358 14.16 -11.17 1.94
C ILE B 358 15.30 -11.84 1.16
N ASN B 359 15.38 -11.61 -0.15
CA ASN B 359 16.44 -12.20 -0.95
C ASN B 359 17.82 -11.61 -0.66
N THR B 360 17.89 -10.30 -0.54
CA THR B 360 19.19 -9.66 -0.32
C THR B 360 19.64 -9.85 1.13
N LEU B 361 18.69 -9.95 2.05
CA LEU B 361 19.02 -10.25 3.45
C LEU B 361 19.78 -11.57 3.52
N GLN B 362 19.24 -12.57 2.83
CA GLN B 362 19.87 -13.89 2.73
C GLN B 362 21.26 -13.83 2.11
N GLU B 363 21.41 -13.07 1.02
CA GLU B 363 22.69 -12.96 0.35
C GLU B 363 23.74 -12.31 1.26
N ILE B 364 23.32 -11.28 2.00
CA ILE B 364 24.25 -10.57 2.87
C ILE B 364 24.72 -11.44 4.03
N VAL B 365 23.81 -12.11 4.73
CA VAL B 365 24.23 -12.91 5.88
C VAL B 365 25.07 -14.13 5.45
N GLU B 366 24.76 -14.72 4.30
CA GLU B 366 25.56 -15.81 3.77
C GLU B 366 26.93 -15.30 3.33
N GLY B 367 26.97 -14.11 2.73
CA GLY B 367 28.24 -13.55 2.31
C GLY B 367 29.12 -13.23 3.50
N MET B 368 28.50 -12.72 4.56
CA MET B 368 29.24 -12.43 5.78
C MET B 368 29.80 -13.71 6.37
N LYS B 369 28.96 -14.74 6.43
CA LYS B 369 29.38 -16.03 6.98
C LYS B 369 30.58 -16.58 6.22
N GLN B 370 30.54 -16.47 4.89
CA GLN B 370 31.62 -16.98 4.06
C GLN B 370 32.93 -16.22 4.31
N LYS B 371 32.82 -14.95 4.67
CA LYS B 371 34.00 -14.13 4.97
C LYS B 371 34.34 -14.15 6.46
N MET B 372 33.68 -15.03 7.21
CA MET B 372 33.97 -15.24 8.63
C MET B 372 33.63 -14.06 9.55
N TRP B 373 32.60 -13.29 9.17
CA TRP B 373 32.11 -12.20 10.00
C TRP B 373 30.84 -12.62 10.71
N SER B 374 30.81 -12.45 12.03
CA SER B 374 29.62 -12.79 12.81
C SER B 374 28.44 -11.90 12.44
N ILE B 375 27.24 -12.45 12.50
CA ILE B 375 26.02 -11.67 12.29
C ILE B 375 25.77 -10.71 13.47
N GLU B 376 26.45 -10.95 14.60
CA GLU B 376 26.41 -9.99 15.71
C GLU B 376 26.81 -8.57 15.28
N ASN B 377 27.63 -8.48 14.23
CA ASN B 377 28.16 -7.19 13.78
C ASN B 377 27.15 -6.27 13.09
N ILE B 378 26.04 -6.85 12.64
CA ILE B 378 25.19 -6.13 11.70
C ILE B 378 23.73 -6.13 12.13
N ALA B 379 23.02 -5.07 11.74
CA ALA B 379 21.56 -5.05 11.79
C ALA B 379 21.08 -4.58 10.42
N PHE B 380 19.79 -4.75 10.16
CA PHE B 380 19.23 -4.36 8.88
C PHE B 380 18.06 -3.43 9.07
N GLY B 381 17.87 -2.56 8.09
CA GLY B 381 16.66 -1.75 8.00
C GLY B 381 15.84 -2.20 6.81
N SER B 382 14.54 -2.29 7.02
CA SER B 382 13.65 -2.72 5.97
C SER B 382 12.94 -1.49 5.43
N GLY B 383 13.20 -1.17 4.17
CA GLY B 383 12.63 0.02 3.58
C GLY B 383 13.11 0.27 2.15
N GLN B 388 10.73 -3.76 -3.40
CA GLN B 388 9.91 -4.95 -3.24
C GLN B 388 8.57 -4.66 -2.59
N LYS B 389 7.49 -5.02 -3.27
CA LYS B 389 6.15 -4.82 -2.73
C LYS B 389 5.37 -6.14 -2.68
N LEU B 390 4.89 -6.47 -1.49
CA LEU B 390 4.07 -7.67 -1.27
C LEU B 390 2.65 -7.40 -1.78
N THR B 391 2.03 -8.39 -2.39
CA THR B 391 0.66 -8.22 -2.85
C THR B 391 -0.25 -9.30 -2.30
N ARG B 392 -1.54 -9.14 -2.55
CA ARG B 392 -2.54 -10.10 -2.11
C ARG B 392 -2.34 -11.45 -2.80
N ASP B 393 -1.66 -11.43 -3.93
CA ASP B 393 -1.38 -12.64 -4.70
C ASP B 393 -0.23 -13.51 -4.16
N LEU B 394 0.64 -12.91 -3.34
CA LEU B 394 1.78 -13.66 -2.79
C LEU B 394 1.33 -14.90 -2.03
N LEU B 395 0.39 -14.73 -1.12
CA LEU B 395 -0.13 -15.87 -0.35
C LEU B 395 -1.50 -16.32 -0.89
N ASN B 396 -1.93 -15.73 -2.00
CA ASN B 396 -3.25 -16.02 -2.58
C ASN B 396 -4.38 -15.86 -1.57
N CYS B 397 -4.41 -14.72 -0.89
CA CYS B 397 -5.45 -14.42 0.09
C CYS B 397 -6.77 -14.24 -0.62
N SER B 398 -7.78 -14.99 -0.20
CA SER B 398 -9.00 -15.07 -0.98
C SER B 398 -10.23 -15.39 -0.13
N PHE B 399 -11.35 -14.76 -0.48
CA PHE B 399 -12.62 -14.87 0.25
C PHE B 399 -13.64 -15.45 -0.74
N LYS B 400 -14.31 -16.53 -0.36
CA LYS B 400 -15.24 -17.20 -1.25
C LYS B 400 -16.45 -17.75 -0.49
N CYS B 401 -17.59 -17.77 -1.16
CA CYS B 401 -18.80 -18.40 -0.64
C CYS B 401 -18.73 -19.92 -0.80
N SER B 402 -18.98 -20.66 0.28
CA SER B 402 -18.90 -22.13 0.25
C SER B 402 -20.21 -22.82 0.60
N TYR B 403 -21.17 -22.08 1.15
CA TYR B 403 -22.40 -22.71 1.58
C TYR B 403 -23.53 -21.69 1.56
N VAL B 404 -24.69 -22.09 1.04
CA VAL B 404 -25.86 -21.23 1.10
C VAL B 404 -27.07 -22.07 1.50
N VAL B 405 -28.11 -21.41 2.00
CA VAL B 405 -29.38 -22.08 2.27
C VAL B 405 -30.44 -21.35 1.48
N THR B 406 -31.16 -22.08 0.64
CA THR B 406 -32.18 -21.52 -0.20
C THR B 406 -33.38 -22.45 -0.13
N ASN B 407 -34.56 -21.86 0.12
CA ASN B 407 -35.77 -22.66 0.30
C ASN B 407 -35.61 -23.68 1.42
N GLY B 408 -34.83 -23.31 2.43
CA GLY B 408 -34.64 -24.15 3.59
C GLY B 408 -33.66 -25.30 3.39
N LEU B 409 -33.05 -25.36 2.22
CA LEU B 409 -32.12 -26.45 1.92
C LEU B 409 -30.70 -25.91 1.78
N GLY B 410 -29.77 -26.50 2.52
CA GLY B 410 -28.37 -26.12 2.47
C GLY B 410 -27.72 -26.76 1.25
N ILE B 411 -26.87 -25.99 0.58
CA ILE B 411 -26.15 -26.52 -0.56
C ILE B 411 -24.67 -26.13 -0.52
N ASN B 412 -23.81 -27.08 -0.82
CA ASN B 412 -22.37 -26.82 -0.84
C ASN B 412 -21.96 -26.22 -2.18
N VAL B 413 -21.39 -25.02 -2.12
CA VAL B 413 -21.07 -24.28 -3.36
C VAL B 413 -19.57 -23.94 -3.47
N PHE B 414 -19.13 -23.68 -4.69
CA PHE B 414 -17.69 -23.55 -4.98
C PHE B 414 -17.49 -23.08 -6.41
N LYS B 415 -16.34 -22.50 -6.69
CA LYS B 415 -15.92 -22.28 -8.07
C LYS B 415 -14.85 -23.31 -8.39
N ASP B 416 -14.70 -23.63 -9.67
CA ASP B 416 -13.69 -24.60 -10.10
C ASP B 416 -13.37 -24.36 -11.58
N PRO B 417 -12.67 -23.26 -11.88
CA PRO B 417 -12.47 -22.86 -13.27
C PRO B 417 -11.63 -23.87 -14.05
N VAL B 418 -12.11 -24.23 -15.24
CA VAL B 418 -11.51 -25.31 -16.01
C VAL B 418 -10.02 -25.07 -16.30
N ALA B 419 -9.65 -23.82 -16.57
CA ALA B 419 -8.28 -23.49 -16.96
C ALA B 419 -7.34 -23.17 -15.80
N ASP B 420 -7.85 -23.24 -14.57
CA ASP B 420 -6.98 -23.02 -13.41
C ASP B 420 -7.47 -23.74 -12.16
N PRO B 421 -7.05 -25.00 -11.99
CA PRO B 421 -7.41 -25.80 -10.82
C PRO B 421 -6.92 -25.19 -9.51
N ASN B 422 -5.93 -24.30 -9.58
CA ASN B 422 -5.45 -23.63 -8.38
C ASN B 422 -6.47 -22.66 -7.80
N LYS B 423 -7.47 -22.27 -8.61
CA LYS B 423 -8.50 -21.35 -8.14
C LYS B 423 -9.75 -22.05 -7.62
N ARG B 424 -9.72 -23.38 -7.57
CA ARG B 424 -10.83 -24.13 -7.01
C ARG B 424 -11.00 -23.77 -5.54
N SER B 425 -12.24 -23.51 -5.13
CA SER B 425 -12.53 -23.13 -3.75
C SER B 425 -13.15 -24.28 -2.96
N LYS B 426 -13.15 -24.14 -1.63
CA LYS B 426 -13.63 -25.20 -0.75
C LYS B 426 -15.15 -25.29 -0.75
N LYS B 427 -15.69 -26.45 -0.38
CA LYS B 427 -17.15 -26.66 -0.47
C LYS B 427 -17.78 -26.87 0.89
N GLY B 428 -18.90 -26.19 1.13
CA GLY B 428 -19.73 -26.45 2.30
C GLY B 428 -19.24 -25.79 3.58
N ARG B 429 -19.82 -26.20 4.70
CA ARG B 429 -19.43 -25.63 5.98
C ARG B 429 -18.05 -26.14 6.38
N LEU B 430 -17.22 -25.22 6.87
CA LEU B 430 -15.82 -25.54 7.11
C LEU B 430 -15.47 -25.54 8.57
N SER B 431 -14.46 -26.30 8.93
CA SER B 431 -13.94 -26.29 10.29
C SER B 431 -12.46 -26.63 10.30
N LEU B 432 -11.75 -26.21 11.34
CA LEU B 432 -10.31 -26.41 11.41
C LEU B 432 -10.00 -27.34 12.56
N HIS B 433 -9.11 -28.30 12.32
CA HIS B 433 -8.87 -29.37 13.29
C HIS B 433 -7.41 -29.76 13.41
N ARG B 434 -7.08 -30.37 14.54
CA ARG B 434 -5.78 -30.98 14.73
C ARG B 434 -5.81 -32.42 14.22
N THR B 435 -4.81 -32.79 13.44
CA THR B 435 -4.67 -34.16 12.96
C THR B 435 -4.03 -35.03 14.06
N PRO B 436 -4.06 -36.36 13.90
CA PRO B 436 -3.40 -37.23 14.88
C PRO B 436 -1.91 -36.91 15.08
N ALA B 437 -1.25 -36.38 14.05
CA ALA B 437 0.17 -36.03 14.18
C ALA B 437 0.38 -34.64 14.73
N GLY B 438 -0.72 -33.94 15.05
CA GLY B 438 -0.63 -32.61 15.63
C GLY B 438 -0.48 -31.50 14.62
N ASN B 439 -0.91 -31.74 13.39
CA ASN B 439 -0.92 -30.70 12.36
C ASN B 439 -2.32 -30.13 12.19
N PHE B 440 -2.47 -29.17 11.29
CA PHE B 440 -3.80 -28.62 10.98
C PHE B 440 -4.43 -29.32 9.78
N VAL B 441 -5.75 -29.54 9.84
CA VAL B 441 -6.50 -29.92 8.64
C VAL B 441 -7.80 -29.13 8.59
N THR B 442 -8.20 -28.71 7.38
CA THR B 442 -9.51 -28.08 7.19
C THR B 442 -10.50 -29.10 6.66
N LEU B 443 -11.64 -29.24 7.33
CA LEU B 443 -12.66 -30.20 6.92
C LEU B 443 -13.76 -29.48 6.17
N GLU B 444 -14.21 -30.08 5.07
CA GLU B 444 -15.21 -29.45 4.22
C GLU B 444 -16.54 -30.17 4.37
N GLU B 445 -17.58 -29.62 3.72
CA GLU B 445 -18.88 -30.26 3.62
C GLU B 445 -19.49 -30.59 4.98
N GLY B 446 -19.18 -29.76 5.98
CA GLY B 446 -19.71 -29.94 7.31
C GLY B 446 -19.19 -31.19 8.01
N LYS B 447 -18.18 -31.83 7.45
CA LYS B 447 -17.64 -33.07 8.02
C LYS B 447 -17.10 -32.93 9.45
N GLY B 448 -16.76 -31.70 9.86
CA GLY B 448 -16.39 -31.44 11.23
C GLY B 448 -17.41 -31.98 12.23
N ASP B 449 -18.67 -32.01 11.81
CA ASP B 449 -19.77 -32.46 12.67
C ASP B 449 -19.77 -33.97 12.90
N LEU B 450 -18.97 -34.70 12.13
CA LEU B 450 -18.88 -36.15 12.30
C LEU B 450 -18.05 -36.51 13.53
N GLU B 451 -17.40 -35.50 14.10
CA GLU B 451 -16.68 -35.64 15.37
C GLU B 451 -15.57 -36.71 15.31
N GLU B 452 -14.93 -36.85 14.15
CA GLU B 452 -13.82 -37.79 14.00
C GLU B 452 -12.48 -37.10 14.18
N TYR B 453 -12.51 -35.78 14.22
CA TYR B 453 -11.30 -34.99 14.25
C TYR B 453 -11.30 -34.01 15.41
N GLY B 454 -12.09 -34.31 16.45
CA GLY B 454 -12.15 -33.48 17.63
C GLY B 454 -12.76 -32.11 17.38
N GLN B 455 -12.42 -31.16 18.24
CA GLN B 455 -13.05 -29.84 18.24
C GLN B 455 -12.57 -28.91 17.12
N ASP B 456 -13.46 -28.01 16.72
CA ASP B 456 -13.16 -26.97 15.74
C ASP B 456 -12.25 -25.95 16.42
N LEU B 457 -11.14 -25.64 15.76
CA LEU B 457 -10.14 -24.74 16.35
C LEU B 457 -10.43 -23.26 16.11
N LEU B 458 -11.35 -22.95 15.18
CA LEU B 458 -11.81 -21.58 15.00
C LEU B 458 -12.57 -21.14 16.25
N HIS B 459 -12.48 -19.85 16.57
CA HIS B 459 -13.28 -19.27 17.66
C HIS B 459 -14.21 -18.20 17.11
N THR B 460 -15.40 -18.06 17.68
CA THR B 460 -16.25 -16.93 17.31
C THR B 460 -15.60 -15.63 17.80
N VAL B 461 -15.29 -14.73 16.87
CA VAL B 461 -14.64 -13.48 17.24
C VAL B 461 -15.55 -12.26 17.08
N PHE B 462 -16.63 -12.42 16.33
CA PHE B 462 -17.57 -11.31 16.11
C PHE B 462 -18.95 -11.91 16.00
N LYS B 463 -19.92 -11.31 16.67
CA LYS B 463 -21.30 -11.76 16.55
C LYS B 463 -22.26 -10.61 16.85
N ASN B 464 -23.11 -10.32 15.86
CA ASN B 464 -24.20 -9.37 16.04
C ASN B 464 -23.73 -8.01 16.58
N GLY B 465 -22.65 -7.51 16.00
CA GLY B 465 -22.19 -6.18 16.32
C GLY B 465 -21.19 -6.11 17.45
N LYS B 466 -20.86 -7.25 18.05
CA LYS B 466 -19.94 -7.27 19.20
C LYS B 466 -18.70 -8.11 18.92
N VAL B 467 -17.55 -7.63 19.36
CA VAL B 467 -16.34 -8.44 19.35
C VAL B 467 -16.42 -9.39 20.54
N THR B 468 -16.33 -10.69 20.26
CA THR B 468 -16.62 -11.71 21.27
C THR B 468 -15.37 -12.42 21.76
N LYS B 469 -14.27 -12.22 21.04
CA LYS B 469 -12.99 -12.77 21.47
C LYS B 469 -11.85 -11.96 20.87
N SER B 470 -10.83 -11.70 21.68
CA SER B 470 -9.73 -10.86 21.26
C SER B 470 -8.40 -11.31 21.88
N TYR B 471 -7.31 -10.75 21.39
CA TYR B 471 -5.98 -11.18 21.81
C TYR B 471 -5.11 -9.99 22.07
N SER B 472 -4.31 -10.05 23.13
CA SER B 472 -3.39 -8.97 23.38
C SER B 472 -2.22 -9.10 22.42
N PHE B 473 -1.47 -8.02 22.25
CA PHE B 473 -0.33 -8.07 21.35
C PHE B 473 0.75 -8.99 21.92
N ASP B 474 0.77 -9.12 23.26
CA ASP B 474 1.74 -10.00 23.88
C ASP B 474 1.45 -11.45 23.52
N GLU B 475 0.16 -11.82 23.48
CA GLU B 475 -0.20 -13.20 23.13
C GLU B 475 0.02 -13.48 21.65
N ILE B 476 -0.22 -12.47 20.81
CA ILE B 476 0.01 -12.61 19.38
C ILE B 476 1.49 -12.87 19.10
N ARG B 477 2.37 -12.10 19.72
CA ARG B 477 3.81 -12.31 19.60
C ARG B 477 4.20 -13.73 20.01
N LYS B 478 3.66 -14.20 21.12
CA LYS B 478 3.96 -15.55 21.58
C LYS B 478 3.51 -16.58 20.56
N ASN B 479 2.32 -16.38 20.00
CA ASN B 479 1.81 -17.31 19.00
C ASN B 479 2.69 -17.37 17.75
N ALA B 480 3.33 -16.24 17.43
CA ALA B 480 4.08 -16.11 16.17
C ALA B 480 5.56 -16.44 16.31
N GLN B 481 5.98 -16.89 17.49
CA GLN B 481 7.39 -17.19 17.75
C GLN B 481 7.96 -18.21 16.78
N LEU B 482 9.25 -18.12 16.51
CA LEU B 482 9.93 -19.15 15.73
C LEU B 482 10.09 -20.41 16.55
N ASN B 483 10.11 -21.55 15.87
CA ASN B 483 10.44 -22.82 16.52
C ASN B 483 11.81 -22.76 17.20
N ILE B 484 12.80 -22.18 16.50
CA ILE B 484 14.15 -22.05 17.04
C ILE B 484 14.16 -21.23 18.34
N GLU B 485 13.26 -20.26 18.45
CA GLU B 485 13.12 -19.45 19.67
C GLU B 485 12.53 -20.30 20.79
N LEU B 486 11.58 -21.16 20.43
CA LEU B 486 10.97 -22.08 21.38
C LEU B 486 11.97 -23.14 21.87
N GLU B 487 13.13 -23.19 21.20
CA GLU B 487 14.24 -24.09 21.56
C GLU B 487 13.85 -25.55 21.36
#